data_9G73
#
_entry.id   9G73
#
_cell.length_a   126.931
_cell.length_b   145.243
_cell.length_c   149.432
_cell.angle_alpha   90.000
_cell.angle_beta   90.000
_cell.angle_gamma   90.000
#
_symmetry.space_group_name_H-M   'C 2 2 21'
#
loop_
_entity.id
_entity.type
_entity.pdbx_description
1 polymer 'Pyrethroid hydrolase Ces2e'
2 branched alpha-D-mannopyranose-(1-3)-[alpha-D-mannopyranose-(1-6)]beta-D-mannopyranose-(1-4)-2-acetamido-2-deoxy-beta-D-glucopyranose-(1-4)-[alpha-L-fucopyranose-(1-6)]2-acetamido-2-deoxy-beta-D-glucopyranose
3 branched 2-acetamido-2-deoxy-beta-D-glucopyranose-(1-2)-alpha-D-mannopyranose-(1-3)-[2-acetamido-2-deoxy-beta-D-glucopyranose-(1-2)-alpha-D-mannopyranose-(1-6)]beta-D-mannopyranose-(1-4)-2-acetamido-2-deoxy-beta-D-glucopyranose-(1-4)-[alpha-L-fucopyranose-(1-6)]2-acetamido-2-deoxy-beta-D-glucopyranose
4 non-polymer 'SULFATE ION'
5 non-polymer 'CHLORIDE ION'
6 water water
#
_entity_poly.entity_id   1
_entity_poly.type   'polypeptide(L)'
_entity_poly.pdbx_seq_one_letter_code
;MPLYKLLGWLNAVACGVLLLVLHVQGQDSASPIRNTHTGQVRGSLVHVKDTDIAVHTFLGIPFAKPPVGPLRFAPPEAPE
PWSGVRDGTSHPNMCLQNDNLMGSEDLKMMNLILPPISMSEDCLYLNIYVPAHAHEGSNLPVMVWIHGGALTVGMASMYD
GSMLAATEDVVVVAIQYRLGVLGFFSTGDQHAKGNWGYLDQVAALRWVQQNIVHFGGNPDRVTIFGESAGGTSVSSHVVS
PMSQGLFHGAIMESGVAVLPDLISSSSEMVHRIVANLSGCAAVNSETLMCCLRGKNEAEMLAINKVFKIIPGVVDGEFLP
KHPQELMASKDFHPVPSIIGINNDEYGWILPTIMDPAQKIEEITRKTLPAVLKSTALKMMLPPECGDLLMEEYMGDTEDP
ETLQAQFREMKGDFMFVIPALQVAHFQRSHAPVYFYEFQHRPSFFKDFRPPYVKADHGDEIFLVFGYQFGNIKLPYTEEE
EQLSRRIMKYWANFARHGNPNSEGLPYWPVMDHDEQYLQLDIQPSVGRALKARRLQFWTKTLPQKIQELKGSQERHKELH
HHHHH
;
_entity_poly.pdbx_strand_id   A,B
#
# COMPACT_ATOMS: atom_id res chain seq x y z
N ASP A 28 3.55 -36.03 2.39
CA ASP A 28 3.72 -37.06 1.33
C ASP A 28 2.41 -37.21 0.53
N SER A 29 1.48 -36.24 0.61
CA SER A 29 0.16 -36.25 -0.07
C SER A 29 0.31 -36.22 -1.60
N ALA A 30 -0.31 -37.14 -2.35
CA ALA A 30 -0.12 -37.24 -3.82
C ALA A 30 -1.03 -36.24 -4.55
N SER A 31 -2.20 -35.92 -3.99
CA SER A 31 -3.21 -35.03 -4.61
C SER A 31 -3.72 -34.04 -3.57
N PRO A 32 -2.91 -33.04 -3.18
CA PRO A 32 -3.33 -32.08 -2.18
C PRO A 32 -4.46 -31.19 -2.70
N ILE A 33 -5.42 -30.89 -1.83
CA ILE A 33 -6.51 -29.93 -2.12
C ILE A 33 -6.25 -28.69 -1.28
N ARG A 34 -6.43 -27.51 -1.88
CA ARG A 34 -6.20 -26.22 -1.20
C ARG A 34 -7.38 -25.29 -1.55
N ASN A 35 -7.70 -24.39 -0.63
CA ASN A 35 -8.80 -23.42 -0.79
C ASN A 35 -8.31 -22.18 -1.53
N THR A 36 -9.17 -21.61 -2.36
CA THR A 36 -9.06 -20.21 -2.84
C THR A 36 -10.41 -19.55 -2.65
N HIS A 37 -10.43 -18.24 -2.73
CA HIS A 37 -11.63 -17.40 -2.63
C HIS A 37 -12.67 -17.86 -3.67
N THR A 38 -12.24 -18.36 -4.82
CA THR A 38 -13.10 -18.77 -5.96
C THR A 38 -13.36 -20.29 -5.94
N GLY A 39 -12.75 -21.04 -5.02
CA GLY A 39 -12.98 -22.49 -4.96
C GLY A 39 -11.72 -23.32 -4.76
N GLN A 40 -11.91 -24.62 -4.64
CA GLN A 40 -10.83 -25.56 -4.32
C GLN A 40 -10.04 -25.91 -5.56
N VAL A 41 -8.75 -26.18 -5.37
CA VAL A 41 -7.83 -26.67 -6.42
C VAL A 41 -7.18 -27.96 -5.95
N ARG A 42 -6.91 -28.83 -6.91
CA ARG A 42 -6.20 -30.12 -6.70
C ARG A 42 -4.81 -29.99 -7.29
N GLY A 43 -3.76 -30.10 -6.47
CA GLY A 43 -2.37 -30.03 -6.92
C GLY A 43 -1.81 -31.41 -7.15
N SER A 44 -0.49 -31.49 -7.28
CA SER A 44 0.23 -32.78 -7.37
C SER A 44 1.56 -32.70 -6.61
N LEU A 45 2.18 -33.84 -6.41
CA LEU A 45 3.40 -34.02 -5.59
C LEU A 45 4.57 -34.26 -6.53
N VAL A 46 5.67 -33.59 -6.26
CA VAL A 46 6.92 -33.59 -7.06
C VAL A 46 8.06 -33.85 -6.07
N HIS A 47 9.05 -34.64 -6.49
CA HIS A 47 10.30 -34.85 -5.72
C HIS A 47 11.44 -34.15 -6.45
N VAL A 48 12.35 -33.54 -5.71
CA VAL A 48 13.50 -32.80 -6.30
C VAL A 48 14.76 -33.65 -6.12
N LYS A 49 15.69 -33.58 -7.09
CA LYS A 49 16.84 -34.51 -7.22
C LYS A 49 17.70 -34.58 -5.95
N ASP A 50 18.06 -35.81 -5.56
CA ASP A 50 18.98 -36.24 -4.46
C ASP A 50 18.62 -35.63 -3.11
N THR A 51 17.39 -35.12 -2.88
CA THR A 51 17.05 -34.37 -1.64
C THR A 51 15.65 -34.72 -1.11
N ASP A 52 15.49 -34.60 0.21
CA ASP A 52 14.45 -35.20 1.06
C ASP A 52 13.13 -34.43 0.96
N ILE A 53 13.17 -33.10 0.82
CA ILE A 53 11.93 -32.26 0.80
C ILE A 53 11.22 -32.47 -0.56
N ALA A 54 9.98 -32.95 -0.49
CA ALA A 54 9.04 -33.02 -1.63
C ALA A 54 8.29 -31.69 -1.74
N VAL A 55 7.65 -31.48 -2.88
CA VAL A 55 7.03 -30.19 -3.27
C VAL A 55 5.60 -30.45 -3.76
N HIS A 56 4.67 -29.61 -3.34
CA HIS A 56 3.31 -29.59 -3.91
C HIS A 56 3.30 -28.52 -4.99
N THR A 57 2.74 -28.84 -6.15
CA THR A 57 2.61 -27.88 -7.27
C THR A 57 1.13 -27.65 -7.54
N PHE A 58 0.76 -26.42 -7.84
CA PHE A 58 -0.61 -26.01 -8.18
C PHE A 58 -0.51 -25.12 -9.40
N LEU A 59 -0.84 -25.69 -10.55
CA LEU A 59 -0.56 -25.08 -11.87
C LEU A 59 -1.85 -24.54 -12.47
N GLY A 60 -1.76 -23.43 -13.17
CA GLY A 60 -2.86 -22.88 -13.97
C GLY A 60 -3.99 -22.35 -13.12
N ILE A 61 -3.67 -21.68 -12.02
CA ILE A 61 -4.72 -21.05 -11.16
C ILE A 61 -5.06 -19.70 -11.75
N PRO A 62 -6.36 -19.41 -12.03
CA PRO A 62 -6.75 -18.09 -12.53
C PRO A 62 -6.75 -17.01 -11.45
N PHE A 63 -6.11 -15.89 -11.73
CA PHE A 63 -6.08 -14.74 -10.80
C PHE A 63 -6.95 -13.60 -11.34
N ALA A 64 -7.46 -13.73 -12.55
CA ALA A 64 -8.31 -12.71 -13.20
C ALA A 64 -9.24 -13.41 -14.19
N LYS A 65 -10.30 -12.73 -14.56
CA LYS A 65 -11.24 -13.17 -15.63
C LYS A 65 -10.50 -13.10 -16.97
N PRO A 66 -10.69 -14.04 -17.92
CA PRO A 66 -10.05 -13.96 -19.23
C PRO A 66 -10.27 -12.61 -19.92
N PRO A 67 -9.19 -11.92 -20.34
CA PRO A 67 -9.29 -10.55 -20.85
C PRO A 67 -9.69 -10.55 -22.35
N VAL A 68 -10.90 -11.02 -22.62
CA VAL A 68 -11.41 -11.31 -23.98
C VAL A 68 -12.73 -10.56 -24.22
N GLY A 69 -13.11 -10.37 -25.47
CA GLY A 69 -14.29 -9.57 -25.84
C GLY A 69 -14.14 -8.15 -25.34
N PRO A 70 -15.08 -7.62 -24.52
CA PRO A 70 -14.97 -6.26 -24.01
C PRO A 70 -13.85 -6.10 -22.97
N LEU A 71 -13.28 -7.21 -22.49
CA LEU A 71 -12.18 -7.17 -21.48
C LEU A 71 -10.80 -7.18 -22.16
N ARG A 72 -10.73 -7.24 -23.49
CA ARG A 72 -9.49 -6.89 -24.24
C ARG A 72 -9.25 -5.38 -24.10
N PHE A 73 -7.99 -4.98 -23.85
CA PHE A 73 -7.56 -3.58 -23.62
C PHE A 73 -8.35 -2.95 -22.47
N ALA A 74 -8.66 -3.73 -21.43
CA ALA A 74 -9.41 -3.31 -20.24
C ALA A 74 -8.69 -3.81 -18.99
N PRO A 75 -8.80 -3.11 -17.85
CA PRO A 75 -8.23 -3.62 -16.60
C PRO A 75 -8.73 -5.02 -16.27
N PRO A 76 -7.94 -5.82 -15.51
CA PRO A 76 -8.35 -7.18 -15.18
C PRO A 76 -9.54 -7.18 -14.19
N GLU A 77 -10.50 -8.03 -14.43
CA GLU A 77 -11.65 -8.31 -13.53
C GLU A 77 -11.32 -9.50 -12.63
N ALA A 78 -11.94 -9.55 -11.46
CA ALA A 78 -11.88 -10.65 -10.49
C ALA A 78 -12.32 -11.94 -11.16
N PRO A 79 -11.64 -13.08 -10.91
CA PRO A 79 -12.04 -14.36 -11.49
C PRO A 79 -13.38 -14.88 -10.93
N GLU A 80 -14.09 -15.67 -11.76
CA GLU A 80 -15.39 -16.28 -11.39
C GLU A 80 -15.18 -17.41 -10.40
N PRO A 81 -16.08 -17.57 -9.41
CA PRO A 81 -16.16 -18.79 -8.59
C PRO A 81 -16.42 -20.04 -9.45
N TRP A 82 -16.00 -21.20 -8.97
CA TRP A 82 -16.28 -22.51 -9.62
C TRP A 82 -16.83 -23.52 -8.59
N SER A 83 -17.62 -24.48 -9.07
CA SER A 83 -18.13 -25.63 -8.28
C SER A 83 -17.04 -26.68 -8.25
N GLY A 84 -17.00 -27.44 -7.17
CA GLY A 84 -16.16 -28.66 -7.06
C GLY A 84 -14.69 -28.32 -6.96
N VAL A 85 -13.84 -29.25 -7.37
CA VAL A 85 -12.36 -29.13 -7.25
C VAL A 85 -11.81 -28.92 -8.65
N ARG A 86 -11.21 -27.75 -8.89
CA ARG A 86 -10.54 -27.41 -10.17
C ARG A 86 -9.24 -28.20 -10.30
N ASP A 87 -8.95 -28.72 -11.49
CA ASP A 87 -7.65 -29.37 -11.81
C ASP A 87 -6.51 -28.32 -11.72
N GLY A 88 -5.54 -28.56 -10.85
CA GLY A 88 -4.29 -27.77 -10.73
C GLY A 88 -3.08 -28.59 -11.15
N THR A 89 -3.25 -29.52 -12.08
CA THR A 89 -2.12 -30.40 -12.53
C THR A 89 -1.64 -30.04 -13.94
N SER A 90 -2.28 -29.10 -14.62
CA SER A 90 -1.95 -28.74 -16.04
C SER A 90 -1.38 -27.32 -16.13
N HIS A 91 -0.28 -27.14 -16.87
CA HIS A 91 0.34 -25.83 -17.13
C HIS A 91 -0.62 -24.96 -17.93
N PRO A 92 -0.68 -23.65 -17.64
CA PRO A 92 -1.60 -22.77 -18.34
C PRO A 92 -1.09 -22.39 -19.74
N ASN A 93 -2.01 -21.95 -20.58
CA ASN A 93 -1.67 -21.27 -21.86
C ASN A 93 -0.76 -20.09 -21.59
N MET A 94 0.19 -19.86 -22.50
CA MET A 94 0.95 -18.60 -22.57
C MET A 94 0.06 -17.55 -23.24
N CYS A 95 0.32 -16.26 -23.00
CA CYS A 95 -0.39 -15.16 -23.70
C CYS A 95 0.08 -15.09 -25.14
N LEU A 96 -0.74 -14.50 -26.00
CA LEU A 96 -0.45 -14.29 -27.45
C LEU A 96 0.91 -13.61 -27.60
N GLN A 97 1.72 -14.15 -28.50
CA GLN A 97 3.11 -13.70 -28.77
C GLN A 97 3.62 -14.33 -30.08
N ASN A 98 4.70 -13.80 -30.61
CA ASN A 98 5.33 -14.26 -31.88
C ASN A 98 6.75 -14.75 -31.55
N ASP A 99 7.29 -15.72 -32.31
CA ASP A 99 8.68 -16.23 -32.15
C ASP A 99 9.55 -15.87 -33.37
N ASN A 100 10.76 -15.30 -33.18
CA ASN A 100 11.74 -15.09 -34.28
C ASN A 100 13.17 -15.51 -33.89
N LEU A 107 17.74 -20.96 -30.82
CA LEU A 107 16.56 -21.03 -29.91
C LEU A 107 15.56 -22.09 -30.38
N LYS A 108 15.86 -22.82 -31.46
CA LYS A 108 15.06 -24.01 -31.85
C LYS A 108 14.97 -24.96 -30.65
N MET A 109 16.08 -25.12 -29.94
CA MET A 109 16.22 -26.05 -28.80
C MET A 109 15.73 -25.42 -27.48
N MET A 110 15.31 -24.16 -27.46
CA MET A 110 14.58 -23.56 -26.31
C MET A 110 13.24 -24.31 -26.12
N ASN A 111 12.45 -24.51 -27.19
CA ASN A 111 11.10 -25.12 -27.10
C ASN A 111 11.18 -26.61 -26.71
N LEU A 112 12.34 -27.25 -26.92
CA LEU A 112 12.64 -28.61 -26.41
C LEU A 112 12.58 -28.66 -24.87
N ILE A 113 12.91 -27.57 -24.19
CA ILE A 113 12.87 -27.51 -22.70
C ILE A 113 11.60 -26.77 -22.24
N LEU A 114 10.53 -26.74 -23.04
CA LEU A 114 9.20 -26.20 -22.61
C LEU A 114 8.19 -27.32 -22.52
N PRO A 115 7.27 -27.29 -21.53
CA PRO A 115 6.11 -28.17 -21.57
C PRO A 115 5.25 -27.81 -22.79
N PRO A 116 4.39 -28.74 -23.24
CA PRO A 116 3.63 -28.54 -24.48
C PRO A 116 2.43 -27.59 -24.28
N ILE A 117 2.67 -26.32 -23.98
CA ILE A 117 1.56 -25.37 -23.69
C ILE A 117 1.13 -24.68 -24.98
N SER A 118 -0.15 -24.37 -25.06
CA SER A 118 -0.75 -23.58 -26.15
C SER A 118 -0.69 -22.08 -25.84
N MET A 119 -1.10 -21.29 -26.82
CA MET A 119 -1.13 -19.83 -26.76
C MET A 119 -2.58 -19.36 -26.84
N SER A 120 -2.97 -18.35 -26.07
CA SER A 120 -4.37 -17.86 -26.02
C SER A 120 -4.41 -16.44 -25.43
N GLU A 121 -5.45 -15.67 -25.74
CA GLU A 121 -5.78 -14.45 -24.96
C GLU A 121 -6.13 -14.86 -23.51
N ASP A 122 -6.65 -16.08 -23.34
CA ASP A 122 -6.99 -16.65 -22.02
C ASP A 122 -5.70 -17.17 -21.37
N CYS A 123 -4.94 -16.31 -20.70
CA CYS A 123 -3.60 -16.63 -20.17
C CYS A 123 -3.32 -16.05 -18.76
N LEU A 124 -4.31 -15.43 -18.10
CA LEU A 124 -4.09 -14.80 -16.77
C LEU A 124 -4.20 -15.87 -15.69
N TYR A 125 -3.12 -16.64 -15.58
CA TYR A 125 -2.95 -17.77 -14.65
C TYR A 125 -1.59 -17.64 -13.95
N LEU A 126 -1.48 -18.27 -12.79
CA LEU A 126 -0.19 -18.38 -12.05
C LEU A 126 0.04 -19.82 -11.58
N ASN A 127 1.31 -20.13 -11.32
CA ASN A 127 1.78 -21.46 -10.87
C ASN A 127 2.40 -21.32 -9.48
N ILE A 128 2.14 -22.28 -8.59
CA ILE A 128 2.60 -22.25 -7.18
C ILE A 128 3.42 -23.49 -6.89
N TYR A 129 4.61 -23.30 -6.32
CA TYR A 129 5.52 -24.36 -5.83
C TYR A 129 5.68 -24.17 -4.32
N VAL A 130 5.29 -25.17 -3.54
CA VAL A 130 5.24 -25.08 -2.06
C VAL A 130 5.92 -26.33 -1.52
N PRO A 131 6.74 -26.26 -0.44
CA PRO A 131 7.17 -27.47 0.25
C PRO A 131 5.92 -28.30 0.63
N ALA A 132 6.01 -29.60 0.41
CA ALA A 132 4.86 -30.54 0.55
C ALA A 132 4.37 -30.61 2.01
N HIS A 133 5.20 -30.27 3.01
CA HIS A 133 4.81 -30.28 4.44
C HIS A 133 3.79 -29.18 4.72
N ALA A 134 3.81 -28.10 3.93
CA ALA A 134 3.07 -26.85 4.24
C ALA A 134 1.57 -27.04 4.02
N HIS A 135 0.79 -26.27 4.77
N HIS A 135 0.79 -26.30 4.82
CA HIS A 135 -0.69 -26.27 4.74
CA HIS A 135 -0.70 -26.31 4.83
C HIS A 135 -1.15 -24.86 5.03
C HIS A 135 -1.14 -24.87 5.08
N GLU A 136 -2.45 -24.61 4.96
N GLU A 136 -2.44 -24.62 4.97
CA GLU A 136 -3.05 -23.31 5.32
CA GLU A 136 -3.05 -23.31 5.32
C GLU A 136 -2.50 -22.87 6.69
N GLY A 137 -1.86 -21.71 6.75
CA GLY A 137 -1.32 -21.11 7.99
C GLY A 137 0.16 -21.42 8.26
N SER A 138 0.88 -22.18 7.42
CA SER A 138 2.33 -22.49 7.64
C SER A 138 3.16 -21.22 7.66
N ASN A 139 2.69 -20.14 7.02
CA ASN A 139 3.26 -18.78 7.11
C ASN A 139 4.69 -18.71 6.54
N LEU A 140 4.97 -19.44 5.44
CA LEU A 140 6.29 -19.40 4.77
C LEU A 140 6.46 -18.09 3.99
N PRO A 141 7.71 -17.59 3.81
CA PRO A 141 7.95 -16.47 2.91
C PRO A 141 7.51 -16.84 1.49
N VAL A 142 7.15 -15.82 0.73
CA VAL A 142 6.60 -15.96 -0.64
C VAL A 142 7.50 -15.18 -1.59
N MET A 143 7.89 -15.82 -2.69
CA MET A 143 8.66 -15.17 -3.77
C MET A 143 7.86 -15.24 -5.07
N VAL A 144 7.55 -14.08 -5.65
CA VAL A 144 6.70 -13.99 -6.86
C VAL A 144 7.60 -13.64 -8.04
N TRP A 145 7.79 -14.62 -8.94
CA TRP A 145 8.61 -14.49 -10.15
C TRP A 145 7.83 -13.84 -11.29
N ILE A 146 8.38 -12.76 -11.85
CA ILE A 146 7.82 -12.05 -13.03
C ILE A 146 8.77 -12.30 -14.20
N HIS A 147 8.34 -13.07 -15.20
CA HIS A 147 9.20 -13.46 -16.36
C HIS A 147 9.50 -12.22 -17.23
N GLY A 148 10.65 -12.23 -17.90
CA GLY A 148 11.04 -11.24 -18.91
C GLY A 148 10.63 -11.67 -20.32
N GLY A 149 11.20 -11.01 -21.34
CA GLY A 149 10.84 -11.19 -22.75
C GLY A 149 10.38 -9.90 -23.41
N ALA A 150 11.00 -8.76 -23.08
CA ALA A 150 10.82 -7.44 -23.73
C ALA A 150 9.33 -7.00 -23.71
N LEU A 151 8.55 -7.51 -22.75
CA LEU A 151 7.09 -7.29 -22.59
C LEU A 151 6.33 -7.76 -23.83
N THR A 152 6.92 -8.65 -24.64
CA THR A 152 6.28 -9.21 -25.87
C THR A 152 6.32 -10.73 -25.89
N VAL A 153 7.23 -11.38 -25.15
CA VAL A 153 7.33 -12.87 -25.13
C VAL A 153 7.45 -13.39 -23.69
N GLY A 154 7.26 -14.69 -23.52
CA GLY A 154 7.53 -15.44 -22.30
C GLY A 154 6.29 -16.03 -21.67
N MET A 155 6.50 -16.77 -20.59
CA MET A 155 5.43 -17.52 -19.89
C MET A 155 5.98 -18.01 -18.54
N ALA A 156 5.09 -18.33 -17.60
CA ALA A 156 5.46 -18.79 -16.26
C ALA A 156 6.06 -20.20 -16.38
N SER A 157 5.55 -21.02 -17.30
CA SER A 157 5.81 -22.49 -17.38
C SER A 157 7.25 -22.82 -17.84
N MET A 158 8.06 -21.85 -18.28
CA MET A 158 9.54 -22.01 -18.45
C MET A 158 10.20 -22.27 -17.09
N TYR A 159 9.64 -21.70 -16.03
CA TYR A 159 10.28 -21.64 -14.70
C TYR A 159 9.64 -22.70 -13.81
N ASP A 160 10.49 -23.50 -13.17
CA ASP A 160 10.08 -24.48 -12.15
C ASP A 160 10.67 -24.02 -10.82
N GLY A 161 9.81 -23.63 -9.88
CA GLY A 161 10.23 -23.14 -8.56
C GLY A 161 10.51 -24.24 -7.55
N SER A 162 10.42 -25.51 -7.92
CA SER A 162 10.47 -26.66 -6.98
C SER A 162 11.77 -26.65 -6.18
N MET A 163 12.92 -26.45 -6.83
CA MET A 163 14.24 -26.55 -6.18
C MET A 163 14.39 -25.38 -5.19
N LEU A 164 14.02 -24.17 -5.58
CA LEU A 164 14.05 -22.98 -4.67
C LEU A 164 13.09 -23.23 -3.50
N ALA A 165 11.86 -23.67 -3.78
CA ALA A 165 10.84 -23.91 -2.73
C ALA A 165 11.36 -24.95 -1.73
N ALA A 166 11.91 -26.06 -2.23
CA ALA A 166 12.36 -27.20 -1.42
C ALA A 166 13.59 -26.80 -0.58
N THR A 167 14.58 -26.19 -1.20
CA THR A 167 15.87 -25.84 -0.56
C THR A 167 15.66 -24.80 0.53
N GLU A 168 14.82 -23.79 0.32
CA GLU A 168 14.81 -22.60 1.18
C GLU A 168 13.48 -22.47 1.94
N ASP A 169 12.64 -23.49 1.90
CA ASP A 169 11.37 -23.53 2.68
C ASP A 169 10.54 -22.29 2.37
N VAL A 170 10.27 -22.09 1.08
CA VAL A 170 9.67 -20.85 0.57
C VAL A 170 8.58 -21.19 -0.47
N VAL A 171 7.51 -20.40 -0.52
CA VAL A 171 6.46 -20.50 -1.57
C VAL A 171 6.97 -19.74 -2.78
N VAL A 172 7.02 -20.38 -3.95
CA VAL A 172 7.41 -19.70 -5.23
C VAL A 172 6.18 -19.61 -6.14
N VAL A 173 5.83 -18.40 -6.52
CA VAL A 173 4.68 -18.11 -7.43
C VAL A 173 5.24 -17.57 -8.75
N ALA A 174 4.98 -18.24 -9.87
CA ALA A 174 5.33 -17.72 -11.21
C ALA A 174 4.06 -17.17 -11.87
N ILE A 175 4.04 -15.89 -12.21
CA ILE A 175 2.82 -15.25 -12.77
C ILE A 175 2.92 -15.11 -14.31
N GLN A 176 1.78 -14.83 -14.93
CA GLN A 176 1.68 -14.39 -16.34
C GLN A 176 0.94 -13.05 -16.39
N TYR A 177 1.02 -12.39 -17.52
CA TYR A 177 0.50 -11.03 -17.73
C TYR A 177 0.40 -10.82 -19.24
N ARG A 178 -0.50 -9.96 -19.67
CA ARG A 178 -0.68 -9.66 -21.12
C ARG A 178 0.63 -9.11 -21.70
N LEU A 179 0.95 -9.54 -22.90
CA LEU A 179 2.19 -9.16 -23.62
C LEU A 179 1.81 -8.40 -24.89
N GLY A 180 2.78 -7.68 -25.43
CA GLY A 180 2.69 -7.00 -26.73
C GLY A 180 1.57 -5.98 -26.76
N VAL A 181 0.83 -5.99 -27.86
CA VAL A 181 -0.23 -4.99 -28.15
C VAL A 181 -1.33 -5.22 -27.12
N LEU A 182 -1.64 -6.48 -26.84
CA LEU A 182 -2.74 -6.82 -25.89
C LEU A 182 -2.38 -6.36 -24.47
N GLY A 183 -1.09 -6.35 -24.11
CA GLY A 183 -0.57 -5.87 -22.81
C GLY A 183 -0.34 -4.37 -22.77
N PHE A 184 0.03 -3.70 -23.86
CA PHE A 184 0.69 -2.36 -23.77
C PHE A 184 0.20 -1.38 -24.84
N PHE A 185 -0.86 -1.70 -25.57
CA PHE A 185 -1.56 -0.73 -26.44
C PHE A 185 -2.13 0.40 -25.57
N SER A 186 -2.02 1.65 -26.03
CA SER A 186 -2.54 2.85 -25.33
C SER A 186 -2.96 3.88 -26.38
N THR A 187 -4.13 4.52 -26.21
CA THR A 187 -4.55 5.72 -26.98
C THR A 187 -4.04 6.99 -26.29
N GLY A 188 -3.46 6.87 -25.10
CA GLY A 188 -3.07 8.02 -24.27
C GLY A 188 -4.28 8.77 -23.71
N ASP A 189 -5.46 8.14 -23.71
CA ASP A 189 -6.73 8.79 -23.29
C ASP A 189 -7.63 7.74 -22.60
N GLN A 190 -8.82 8.14 -22.17
CA GLN A 190 -9.78 7.35 -21.38
C GLN A 190 -10.11 6.00 -22.02
N HIS A 191 -10.08 5.93 -23.35
CA HIS A 191 -10.56 4.76 -24.12
C HIS A 191 -9.55 3.60 -23.99
N ALA A 192 -8.25 3.90 -23.81
CA ALA A 192 -7.19 2.88 -23.63
C ALA A 192 -5.96 3.51 -22.95
N LYS A 193 -5.98 3.62 -21.62
CA LYS A 193 -4.89 4.30 -20.89
C LYS A 193 -3.59 3.50 -21.04
N GLY A 194 -3.69 2.16 -21.08
CA GLY A 194 -2.54 1.30 -21.35
C GLY A 194 -2.09 0.54 -20.12
N ASN A 195 -0.94 -0.14 -20.24
CA ASN A 195 -0.27 -0.87 -19.12
C ASN A 195 -1.16 -2.03 -18.63
N TRP A 196 -1.94 -2.64 -19.51
CA TRP A 196 -2.79 -3.84 -19.21
C TRP A 196 -1.93 -4.94 -18.56
N GLY A 197 -0.75 -5.20 -19.11
CA GLY A 197 0.18 -6.22 -18.61
C GLY A 197 0.61 -5.91 -17.19
N TYR A 198 0.86 -4.64 -16.88
CA TYR A 198 1.28 -4.20 -15.53
C TYR A 198 0.09 -4.35 -14.56
N LEU A 199 -1.13 -4.01 -15.01
CA LEU A 199 -2.36 -4.16 -14.18
C LEU A 199 -2.63 -5.64 -13.91
N ASP A 200 -2.34 -6.53 -14.86
CA ASP A 200 -2.42 -8.00 -14.63
C ASP A 200 -1.45 -8.42 -13.54
N GLN A 201 -0.22 -7.91 -13.57
CA GLN A 201 0.79 -8.22 -12.52
C GLN A 201 0.26 -7.71 -11.17
N VAL A 202 -0.38 -6.54 -11.14
CA VAL A 202 -1.01 -6.02 -9.89
C VAL A 202 -2.11 -6.99 -9.44
N ALA A 203 -2.93 -7.47 -10.38
CA ALA A 203 -4.07 -8.38 -10.09
C ALA A 203 -3.53 -9.69 -9.53
N ALA A 204 -2.43 -10.23 -10.07
CA ALA A 204 -1.76 -11.45 -9.54
C ALA A 204 -1.26 -11.21 -8.11
N LEU A 205 -0.70 -10.04 -7.78
CA LEU A 205 -0.21 -9.72 -6.41
C LEU A 205 -1.38 -9.54 -5.44
N ARG A 206 -2.53 -9.00 -5.90
CA ARG A 206 -3.76 -8.90 -5.08
C ARG A 206 -4.29 -10.31 -4.80
N TRP A 207 -4.26 -11.18 -5.80
CA TRP A 207 -4.64 -12.59 -5.61
C TRP A 207 -3.74 -13.22 -4.53
N VAL A 208 -2.43 -12.98 -4.58
CA VAL A 208 -1.47 -13.55 -3.59
C VAL A 208 -1.84 -13.05 -2.19
N GLN A 209 -2.11 -11.74 -2.04
CA GLN A 209 -2.57 -11.17 -0.74
C GLN A 209 -3.81 -11.92 -0.22
N GLN A 210 -4.77 -12.22 -1.10
CA GLN A 210 -6.07 -12.81 -0.72
C GLN A 210 -5.97 -14.32 -0.46
N ASN A 211 -5.02 -15.04 -1.05
CA ASN A 211 -5.14 -16.51 -1.18
C ASN A 211 -3.91 -17.27 -0.67
N ILE A 212 -2.73 -16.65 -0.61
CA ILE A 212 -1.47 -17.44 -0.45
C ILE A 212 -1.47 -18.10 0.92
N VAL A 213 -2.18 -17.55 1.90
CA VAL A 213 -2.27 -18.13 3.26
C VAL A 213 -2.82 -19.55 3.18
N HIS A 214 -3.72 -19.83 2.22
CA HIS A 214 -4.35 -21.16 2.04
C HIS A 214 -3.31 -22.16 1.53
N PHE A 215 -2.22 -21.70 0.94
CA PHE A 215 -1.14 -22.57 0.41
C PHE A 215 0.00 -22.68 1.44
N GLY A 216 -0.07 -21.89 2.51
CA GLY A 216 0.96 -21.86 3.56
C GLY A 216 1.94 -20.71 3.39
N GLY A 217 1.58 -19.70 2.62
CA GLY A 217 2.43 -18.51 2.45
C GLY A 217 2.07 -17.41 3.41
N ASN A 218 3.02 -16.54 3.72
CA ASN A 218 2.80 -15.35 4.58
C ASN A 218 2.64 -14.13 3.67
N PRO A 219 1.41 -13.57 3.58
CA PRO A 219 1.15 -12.45 2.67
C PRO A 219 1.90 -11.18 3.08
N ASP A 220 2.48 -11.15 4.28
CA ASP A 220 3.26 -10.00 4.78
C ASP A 220 4.74 -10.19 4.49
N ARG A 221 5.12 -11.31 3.88
CA ARG A 221 6.53 -11.56 3.46
C ARG A 221 6.50 -12.02 2.01
N VAL A 222 5.96 -11.17 1.15
CA VAL A 222 5.97 -11.38 -0.33
C VAL A 222 7.13 -10.57 -0.90
N THR A 223 8.03 -11.24 -1.59
CA THR A 223 9.12 -10.59 -2.35
C THR A 223 8.85 -10.81 -3.85
N ILE A 224 8.84 -9.73 -4.62
CA ILE A 224 8.73 -9.79 -6.09
C ILE A 224 10.15 -9.83 -6.67
N PHE A 225 10.38 -10.74 -7.61
CA PHE A 225 11.70 -10.89 -8.28
C PHE A 225 11.47 -11.18 -9.77
N GLY A 226 12.42 -10.75 -10.57
CA GLY A 226 12.33 -10.86 -12.03
C GLY A 226 13.61 -10.41 -12.71
N GLU A 227 13.78 -10.90 -13.92
CA GLU A 227 14.99 -10.64 -14.72
C GLU A 227 14.61 -9.88 -15.99
N SER A 228 15.44 -8.92 -16.36
CA SER A 228 15.34 -8.10 -17.59
C SER A 228 13.99 -7.36 -17.60
N ALA A 229 13.07 -7.61 -18.53
CA ALA A 229 11.74 -6.96 -18.51
C ALA A 229 10.98 -7.36 -17.21
N GLY A 230 11.29 -8.51 -16.62
CA GLY A 230 10.78 -8.86 -15.29
C GLY A 230 11.37 -7.97 -14.20
N GLY A 231 12.65 -7.62 -14.32
CA GLY A 231 13.29 -6.60 -13.48
C GLY A 231 12.65 -5.22 -13.67
N THR A 232 12.46 -4.82 -14.92
CA THR A 232 11.77 -3.56 -15.26
C THR A 232 10.36 -3.53 -14.62
N SER A 233 9.65 -4.66 -14.73
CA SER A 233 8.31 -4.85 -14.12
C SER A 233 8.41 -4.66 -12.59
N VAL A 234 9.33 -5.39 -11.94
CA VAL A 234 9.51 -5.36 -10.46
C VAL A 234 9.77 -3.90 -10.06
N SER A 235 10.72 -3.26 -10.74
CA SER A 235 11.15 -1.85 -10.51
C SER A 235 9.97 -0.88 -10.73
N SER A 236 9.08 -1.20 -11.66
CA SER A 236 7.88 -0.37 -11.90
C SER A 236 6.90 -0.53 -10.72
N HIS A 237 6.74 -1.76 -10.19
CA HIS A 237 5.92 -1.97 -8.97
C HIS A 237 6.48 -1.14 -7.82
N VAL A 238 7.81 -1.11 -7.68
CA VAL A 238 8.51 -0.37 -6.59
C VAL A 238 8.08 1.11 -6.61
N VAL A 239 7.82 1.73 -7.75
CA VAL A 239 7.49 3.20 -7.86
C VAL A 239 5.96 3.40 -7.94
N SER A 240 5.18 2.35 -8.09
CA SER A 240 3.73 2.42 -8.35
C SER A 240 2.89 2.55 -7.08
N PRO A 241 1.97 3.54 -7.01
CA PRO A 241 1.00 3.61 -5.93
C PRO A 241 -0.04 2.49 -6.00
N MET A 242 -0.25 1.93 -7.18
CA MET A 242 -1.19 0.79 -7.37
C MET A 242 -0.66 -0.50 -6.73
N SER A 243 0.64 -0.59 -6.49
CA SER A 243 1.31 -1.83 -6.02
C SER A 243 1.68 -1.75 -4.53
N GLN A 244 1.45 -0.61 -3.88
CA GLN A 244 1.87 -0.37 -2.48
C GLN A 244 1.13 -1.36 -1.55
N GLY A 245 1.87 -2.06 -0.68
CA GLY A 245 1.31 -3.00 0.31
C GLY A 245 1.11 -4.39 -0.26
N LEU A 246 1.45 -4.62 -1.53
CA LEU A 246 1.26 -5.95 -2.15
C LEU A 246 2.58 -6.73 -2.09
N PHE A 247 3.66 -6.12 -1.63
CA PHE A 247 4.94 -6.84 -1.46
C PHE A 247 5.78 -6.11 -0.41
N HIS A 248 6.67 -6.84 0.23
CA HIS A 248 7.49 -6.39 1.37
C HIS A 248 8.93 -6.11 0.91
N GLY A 249 9.33 -6.69 -0.23
CA GLY A 249 10.70 -6.60 -0.78
C GLY A 249 10.72 -6.80 -2.29
N ALA A 250 11.77 -6.34 -2.94
CA ALA A 250 11.92 -6.38 -4.42
C ALA A 250 13.33 -6.85 -4.81
N ILE A 251 13.43 -7.67 -5.85
CA ILE A 251 14.73 -8.11 -6.43
C ILE A 251 14.71 -7.83 -7.93
N MET A 252 15.64 -7.00 -8.39
CA MET A 252 15.72 -6.51 -9.79
C MET A 252 16.98 -7.06 -10.43
N GLU A 253 16.86 -8.16 -11.17
CA GLU A 253 17.99 -8.85 -11.85
C GLU A 253 18.11 -8.31 -13.29
N SER A 254 19.17 -7.56 -13.59
CA SER A 254 19.50 -7.07 -14.97
C SER A 254 18.29 -6.37 -15.62
N GLY A 255 17.59 -5.52 -14.87
CA GLY A 255 16.50 -4.71 -15.42
C GLY A 255 15.86 -3.85 -14.36
N VAL A 256 15.63 -2.58 -14.69
CA VAL A 256 14.95 -1.58 -13.84
C VAL A 256 13.96 -0.79 -14.71
N ALA A 257 13.20 0.11 -14.08
CA ALA A 257 11.98 0.74 -14.65
C ALA A 257 12.37 1.77 -15.71
N VAL A 258 13.63 2.19 -15.73
CA VAL A 258 14.14 3.23 -16.67
C VAL A 258 15.03 2.57 -17.74
N LEU A 259 15.00 1.23 -17.86
CA LEU A 259 15.66 0.47 -18.97
C LEU A 259 15.18 1.11 -20.28
N PRO A 260 16.06 1.74 -21.08
CA PRO A 260 15.66 2.74 -22.08
C PRO A 260 14.49 2.39 -23.04
N ASP A 261 14.48 1.17 -23.59
CA ASP A 261 13.49 0.75 -24.62
C ASP A 261 12.15 0.30 -24.02
N LEU A 262 12.03 0.12 -22.70
CA LEU A 262 10.80 -0.48 -22.10
C LEU A 262 9.94 0.57 -21.39
N ILE A 263 10.30 1.84 -21.47
CA ILE A 263 9.43 2.94 -20.94
C ILE A 263 9.32 4.05 -22.00
N SER A 264 8.15 4.64 -22.08
CA SER A 264 7.83 5.73 -23.01
C SER A 264 6.98 6.79 -22.30
N SER A 265 7.25 8.05 -22.56
CA SER A 265 6.39 9.17 -22.07
C SER A 265 5.15 9.23 -22.93
N SER A 266 5.29 9.00 -24.23
CA SER A 266 4.22 9.19 -25.23
C SER A 266 3.70 7.83 -25.73
N SER A 267 2.39 7.72 -25.90
CA SER A 267 1.72 6.54 -26.52
C SER A 267 1.63 6.69 -28.05
N GLU A 268 2.08 7.83 -28.61
CA GLU A 268 1.82 8.21 -30.02
C GLU A 268 2.17 7.08 -31.00
N MET A 269 3.38 6.52 -30.95
CA MET A 269 3.80 5.56 -32.00
C MET A 269 3.02 4.25 -31.90
N VAL A 270 2.87 3.66 -30.72
CA VAL A 270 2.10 2.40 -30.55
C VAL A 270 0.64 2.67 -30.94
N HIS A 271 0.10 3.84 -30.59
CA HIS A 271 -1.28 4.24 -30.94
C HIS A 271 -1.44 4.24 -32.47
N ARG A 272 -0.58 5.00 -33.17
CA ARG A 272 -0.74 5.24 -34.63
C ARG A 272 -0.41 3.95 -35.41
N ILE A 273 0.62 3.21 -35.02
CA ILE A 273 1.06 1.98 -35.74
C ILE A 273 -0.07 0.93 -35.66
N VAL A 274 -0.61 0.67 -34.47
CA VAL A 274 -1.70 -0.35 -34.29
C VAL A 274 -2.97 0.13 -35.02
N ALA A 275 -3.34 1.41 -34.92
CA ALA A 275 -4.53 1.96 -35.61
C ALA A 275 -4.37 1.76 -37.11
N ASN A 276 -3.18 2.03 -37.64
CA ASN A 276 -2.91 1.94 -39.10
C ASN A 276 -2.90 0.47 -39.56
N LEU A 277 -2.13 -0.39 -38.89
CA LEU A 277 -1.92 -1.79 -39.34
C LEU A 277 -3.21 -2.58 -39.26
N SER A 278 -4.06 -2.30 -38.27
CA SER A 278 -5.34 -3.01 -38.04
C SER A 278 -6.36 -2.72 -39.16
N GLY A 279 -6.10 -1.68 -39.95
CA GLY A 279 -7.05 -1.18 -40.96
C GLY A 279 -8.24 -0.48 -40.35
N CYS A 280 -8.26 -0.22 -39.05
CA CYS A 280 -9.44 0.33 -38.34
C CYS A 280 -9.65 1.79 -38.74
N ALA A 281 -8.56 2.55 -38.82
CA ALA A 281 -8.49 3.88 -39.50
C ALA A 281 -9.55 4.83 -38.95
N ALA A 282 -9.93 4.68 -37.68
CA ALA A 282 -11.02 5.46 -37.04
C ALA A 282 -10.56 6.89 -36.74
N VAL A 283 -11.46 7.86 -36.90
CA VAL A 283 -11.21 9.31 -36.59
C VAL A 283 -11.19 9.47 -35.06
N ASN A 284 -11.88 8.61 -34.31
CA ASN A 284 -11.95 8.72 -32.82
C ASN A 284 -11.60 7.37 -32.16
N SER A 285 -10.97 7.47 -30.98
CA SER A 285 -10.45 6.32 -30.20
C SER A 285 -11.61 5.43 -29.73
N GLU A 286 -12.82 5.96 -29.50
CA GLU A 286 -14.02 5.14 -29.16
C GLU A 286 -14.37 4.16 -30.30
N THR A 287 -14.29 4.62 -31.55
CA THR A 287 -14.56 3.79 -32.76
C THR A 287 -13.40 2.81 -32.92
N LEU A 288 -12.16 3.30 -32.76
CA LEU A 288 -10.94 2.45 -32.86
C LEU A 288 -11.06 1.26 -31.91
N MET A 289 -11.47 1.51 -30.66
CA MET A 289 -11.47 0.47 -29.59
C MET A 289 -12.48 -0.62 -29.95
N CYS A 290 -13.63 -0.23 -30.50
CA CYS A 290 -14.69 -1.17 -30.94
C CYS A 290 -14.11 -2.03 -32.07
N CYS A 291 -13.46 -1.41 -33.05
CA CYS A 291 -12.86 -2.12 -34.21
C CYS A 291 -11.74 -3.08 -33.74
N LEU A 292 -10.82 -2.64 -32.88
CA LEU A 292 -9.73 -3.49 -32.35
C LEU A 292 -10.28 -4.66 -31.49
N ARG A 293 -11.39 -4.47 -30.79
CA ARG A 293 -12.00 -5.58 -30.01
C ARG A 293 -12.70 -6.60 -30.91
N GLY A 294 -13.06 -6.19 -32.13
CA GLY A 294 -13.63 -7.10 -33.14
C GLY A 294 -12.58 -8.02 -33.77
N LYS A 295 -11.29 -7.71 -33.69
CA LYS A 295 -10.28 -8.54 -34.37
C LYS A 295 -10.19 -9.90 -33.69
N ASN A 296 -10.02 -10.97 -34.47
CA ASN A 296 -9.78 -12.33 -33.91
C ASN A 296 -8.29 -12.50 -33.54
N GLU A 297 -7.94 -13.66 -32.98
CA GLU A 297 -6.57 -13.93 -32.47
C GLU A 297 -5.54 -13.84 -33.61
N ALA A 298 -5.81 -14.43 -34.77
CA ALA A 298 -4.86 -14.44 -35.93
C ALA A 298 -4.58 -13.00 -36.42
N GLU A 299 -5.62 -12.16 -36.47
CA GLU A 299 -5.54 -10.74 -36.88
C GLU A 299 -4.69 -9.98 -35.86
N MET A 300 -4.92 -10.23 -34.58
CA MET A 300 -4.14 -9.59 -33.49
C MET A 300 -2.69 -10.08 -33.51
N LEU A 301 -2.41 -11.36 -33.78
CA LEU A 301 -1.02 -11.89 -33.89
C LEU A 301 -0.29 -11.21 -35.05
N ALA A 302 -0.98 -10.92 -36.15
CA ALA A 302 -0.37 -10.23 -37.30
C ALA A 302 0.00 -8.79 -36.91
N ILE A 303 -0.90 -8.08 -36.23
CA ILE A 303 -0.60 -6.69 -35.76
C ILE A 303 0.56 -6.74 -34.75
N ASN A 304 0.52 -7.72 -33.86
CA ASN A 304 1.48 -7.89 -32.74
C ASN A 304 2.91 -8.13 -33.28
N LYS A 305 3.08 -8.84 -34.40
CA LYS A 305 4.41 -9.34 -34.87
C LYS A 305 5.40 -8.19 -35.15
N VAL A 306 4.87 -7.01 -35.44
CA VAL A 306 5.64 -5.79 -35.79
C VAL A 306 6.43 -5.34 -34.58
N PHE A 307 5.93 -5.59 -33.36
CA PHE A 307 6.57 -5.14 -32.10
C PHE A 307 7.45 -6.25 -31.54
N LYS A 308 8.76 -6.18 -31.75
CA LYS A 308 9.76 -7.11 -31.15
C LYS A 308 9.93 -6.73 -29.67
N ILE A 309 9.83 -5.45 -29.38
CA ILE A 309 9.82 -4.89 -28.01
C ILE A 309 8.60 -3.95 -27.92
N ILE A 310 8.04 -3.76 -26.73
CA ILE A 310 6.96 -2.76 -26.55
C ILE A 310 7.13 -2.10 -25.18
N PRO A 311 6.96 -0.76 -25.06
CA PRO A 311 7.18 -0.09 -23.79
C PRO A 311 5.91 0.05 -22.93
N GLY A 312 6.13 0.16 -21.62
CA GLY A 312 5.15 0.74 -20.69
C GLY A 312 4.98 2.21 -20.98
N VAL A 313 3.78 2.77 -20.83
CA VAL A 313 3.60 4.24 -20.93
C VAL A 313 3.46 4.84 -19.53
N VAL A 314 3.68 6.15 -19.45
CA VAL A 314 3.23 6.98 -18.31
C VAL A 314 1.71 7.16 -18.47
N ASP A 315 0.95 6.23 -17.92
CA ASP A 315 -0.53 6.15 -18.04
C ASP A 315 -1.21 7.13 -17.05
N GLY A 316 -0.48 7.74 -16.10
CA GLY A 316 -1.08 8.56 -15.03
C GLY A 316 -1.69 7.73 -13.89
N GLU A 317 -1.66 6.39 -13.93
CA GLU A 317 -2.35 5.53 -12.94
C GLU A 317 -1.39 4.49 -12.34
N PHE A 318 -0.97 3.50 -13.13
CA PHE A 318 0.07 2.54 -12.71
C PHE A 318 1.41 3.26 -12.59
N LEU A 319 1.73 4.07 -13.60
CA LEU A 319 2.90 4.99 -13.59
C LEU A 319 2.36 6.41 -13.65
N PRO A 320 2.13 7.08 -12.49
CA PRO A 320 1.55 8.43 -12.47
C PRO A 320 2.42 9.52 -13.11
N LYS A 321 3.72 9.30 -13.10
CA LYS A 321 4.74 10.14 -13.76
C LYS A 321 5.78 9.19 -14.33
N HIS A 322 6.76 9.72 -15.05
CA HIS A 322 7.89 8.92 -15.55
C HIS A 322 8.61 8.29 -14.37
N PRO A 323 9.03 7.01 -14.43
CA PRO A 323 9.76 6.39 -13.33
C PRO A 323 10.95 7.20 -12.83
N GLN A 324 11.62 7.93 -13.72
CA GLN A 324 12.74 8.83 -13.36
C GLN A 324 12.26 9.84 -12.31
N GLU A 325 11.15 10.55 -12.58
CA GLU A 325 10.58 11.55 -11.65
C GLU A 325 10.12 10.90 -10.34
N LEU A 326 9.52 9.72 -10.40
CA LEU A 326 9.03 9.02 -9.19
C LEU A 326 10.20 8.67 -8.27
N MET A 327 11.34 8.28 -8.83
CA MET A 327 12.56 7.87 -8.09
C MET A 327 13.31 9.10 -7.58
N ALA A 328 13.28 10.20 -8.32
CA ALA A 328 13.99 11.45 -7.99
C ALA A 328 13.23 12.20 -6.88
N SER A 329 11.96 11.87 -6.65
CA SER A 329 11.10 12.54 -5.66
C SER A 329 11.68 12.38 -4.24
N LYS A 330 11.66 13.46 -3.46
CA LYS A 330 12.04 13.45 -2.02
C LYS A 330 11.07 12.55 -1.23
N ASP A 331 9.87 12.27 -1.75
CA ASP A 331 8.86 11.43 -1.07
C ASP A 331 8.81 10.02 -1.68
N PHE A 332 9.86 9.60 -2.39
CA PHE A 332 10.01 8.22 -2.89
C PHE A 332 10.19 7.29 -1.70
N HIS A 333 9.34 6.26 -1.56
CA HIS A 333 9.40 5.32 -0.40
C HIS A 333 9.54 3.89 -0.90
N PRO A 334 10.69 3.47 -1.48
CA PRO A 334 10.87 2.09 -1.91
C PRO A 334 10.92 1.08 -0.75
N VAL A 335 10.45 -0.13 -1.01
CA VAL A 335 10.74 -1.33 -0.17
C VAL A 335 12.24 -1.58 -0.22
N PRO A 336 12.77 -2.32 0.77
CA PRO A 336 14.13 -2.86 0.66
C PRO A 336 14.24 -3.65 -0.64
N SER A 337 15.41 -3.56 -1.27
CA SER A 337 15.64 -4.06 -2.63
C SER A 337 16.99 -4.76 -2.75
N ILE A 338 17.02 -5.82 -3.55
CA ILE A 338 18.28 -6.27 -4.20
C ILE A 338 18.25 -5.76 -5.63
N ILE A 339 19.33 -5.14 -6.08
CA ILE A 339 19.51 -4.72 -7.49
C ILE A 339 20.83 -5.28 -7.99
N GLY A 340 20.85 -5.87 -9.17
CA GLY A 340 22.15 -6.26 -9.74
C GLY A 340 22.14 -6.44 -11.22
N ILE A 341 23.35 -6.71 -11.71
CA ILE A 341 23.66 -6.88 -13.15
C ILE A 341 24.76 -7.92 -13.29
N ASN A 342 24.95 -8.43 -14.50
CA ASN A 342 26.06 -9.37 -14.80
C ASN A 342 27.24 -8.55 -15.40
N ASN A 343 28.45 -9.12 -15.40
CA ASN A 343 29.66 -8.43 -15.91
C ASN A 343 29.71 -8.47 -17.44
N ASP A 344 28.82 -9.20 -18.14
CA ASP A 344 28.84 -9.23 -19.63
C ASP A 344 27.42 -9.26 -20.18
N GLU A 345 26.63 -8.23 -19.85
CA GLU A 345 25.19 -8.15 -20.21
C GLU A 345 25.02 -8.26 -21.72
N TYR A 346 25.99 -7.77 -22.52
CA TYR A 346 25.85 -7.78 -24.00
C TYR A 346 26.88 -8.74 -24.56
N GLY A 347 27.17 -9.83 -23.84
CA GLY A 347 28.23 -10.79 -24.18
C GLY A 347 27.88 -11.63 -25.40
N TRP A 348 26.72 -12.29 -25.39
CA TRP A 348 26.41 -13.31 -26.42
C TRP A 348 24.92 -13.33 -26.79
N ILE A 349 24.02 -13.66 -25.88
CA ILE A 349 22.60 -13.92 -26.26
C ILE A 349 21.99 -12.65 -26.91
N LEU A 350 22.20 -11.45 -26.37
CA LEU A 350 21.56 -10.24 -26.93
C LEU A 350 22.19 -9.89 -28.29
N PRO A 351 23.53 -9.87 -28.47
CA PRO A 351 24.11 -9.74 -29.80
C PRO A 351 23.59 -10.78 -30.80
N THR A 352 23.44 -12.04 -30.38
CA THR A 352 22.89 -13.14 -31.22
C THR A 352 21.50 -12.74 -31.75
N ILE A 353 20.63 -12.18 -30.91
CA ILE A 353 19.22 -11.83 -31.24
C ILE A 353 19.17 -10.51 -32.00
N MET A 354 19.96 -9.49 -31.63
CA MET A 354 19.81 -8.09 -32.14
C MET A 354 20.88 -7.75 -33.19
N ASP A 355 21.88 -8.61 -33.37
CA ASP A 355 22.91 -8.51 -34.45
C ASP A 355 23.00 -9.87 -35.13
N PRO A 356 21.90 -10.37 -35.75
CA PRO A 356 21.90 -11.71 -36.36
C PRO A 356 22.90 -11.83 -37.51
N ALA A 357 23.21 -10.71 -38.21
CA ALA A 357 24.16 -10.65 -39.34
C ALA A 357 25.62 -10.59 -38.85
N GLN A 358 25.86 -10.53 -37.53
CA GLN A 358 27.22 -10.55 -36.91
C GLN A 358 28.06 -9.35 -37.39
N LYS A 359 27.47 -8.15 -37.54
CA LYS A 359 28.27 -6.99 -38.01
C LYS A 359 29.21 -6.46 -36.90
N ILE A 360 29.03 -6.84 -35.62
CA ILE A 360 30.00 -6.52 -34.53
C ILE A 360 31.35 -7.14 -34.90
N GLU A 361 31.34 -8.34 -35.49
CA GLU A 361 32.59 -9.07 -35.86
C GLU A 361 33.28 -8.37 -37.06
N GLU A 362 32.59 -7.47 -37.76
CA GLU A 362 33.19 -6.63 -38.83
C GLU A 362 33.85 -5.37 -38.28
N ILE A 363 33.77 -5.06 -36.98
CA ILE A 363 34.30 -3.75 -36.46
C ILE A 363 35.83 -3.74 -36.58
N THR A 364 36.37 -2.69 -37.18
CA THR A 364 37.83 -2.38 -37.22
C THR A 364 38.01 -0.91 -36.83
N ARG A 365 39.24 -0.49 -36.59
CA ARG A 365 39.55 0.93 -36.32
C ARG A 365 39.00 1.80 -37.45
N LYS A 366 39.08 1.34 -38.71
CA LYS A 366 38.61 2.08 -39.91
C LYS A 366 37.09 2.31 -39.83
N THR A 367 36.31 1.28 -39.46
CA THR A 367 34.82 1.33 -39.47
C THR A 367 34.26 1.88 -38.17
N LEU A 368 35.04 1.87 -37.08
CA LEU A 368 34.53 2.18 -35.71
C LEU A 368 33.80 3.53 -35.66
N PRO A 369 34.34 4.66 -36.21
CA PRO A 369 33.65 5.94 -36.09
C PRO A 369 32.20 5.93 -36.61
N ALA A 370 31.98 5.32 -37.78
CA ALA A 370 30.65 5.23 -38.43
C ALA A 370 29.73 4.32 -37.61
N VAL A 371 30.24 3.19 -37.13
CA VAL A 371 29.48 2.26 -36.25
C VAL A 371 29.00 3.01 -35.01
N LEU A 372 29.86 3.86 -34.43
CA LEU A 372 29.52 4.59 -33.19
C LEU A 372 28.55 5.73 -33.46
N LYS A 373 28.57 6.35 -34.63
CA LYS A 373 27.52 7.34 -34.99
C LYS A 373 26.18 6.63 -35.12
N SER A 374 26.15 5.44 -35.71
CA SER A 374 24.91 4.62 -35.82
C SER A 374 24.45 4.20 -34.41
N THR A 375 25.39 3.90 -33.51
CA THR A 375 25.09 3.45 -32.13
C THR A 375 24.54 4.64 -31.35
N ALA A 376 25.15 5.82 -31.49
CA ALA A 376 24.66 7.06 -30.87
C ALA A 376 23.19 7.26 -31.19
N LEU A 377 22.77 7.08 -32.46
CA LEU A 377 21.35 7.28 -32.90
C LEU A 377 20.42 6.31 -32.16
N LYS A 378 20.85 5.05 -31.99
CA LYS A 378 20.05 4.01 -31.31
C LYS A 378 19.91 4.33 -29.81
N MET A 379 20.94 4.91 -29.21
CA MET A 379 20.95 5.37 -27.80
C MET A 379 20.24 6.72 -27.65
N MET A 380 19.67 7.24 -28.75
CA MET A 380 18.94 8.54 -28.84
C MET A 380 19.87 9.70 -28.47
N LEU A 381 21.12 9.60 -28.89
CA LEU A 381 22.11 10.70 -28.82
C LEU A 381 22.27 11.29 -30.22
N PRO A 382 22.61 12.59 -30.33
CA PRO A 382 22.98 13.15 -31.62
C PRO A 382 24.23 12.46 -32.17
N PRO A 383 24.38 12.38 -33.51
CA PRO A 383 25.48 11.61 -34.12
C PRO A 383 26.87 12.14 -33.74
N GLU A 384 26.97 13.43 -33.40
CA GLU A 384 28.21 14.09 -32.89
C GLU A 384 28.78 13.31 -31.69
N CYS A 385 27.94 12.61 -30.93
CA CYS A 385 28.38 11.88 -29.71
C CYS A 385 29.17 10.62 -30.03
N GLY A 386 29.17 10.14 -31.28
CA GLY A 386 29.93 8.94 -31.69
C GLY A 386 31.37 9.00 -31.22
N ASP A 387 32.00 10.17 -31.37
CA ASP A 387 33.45 10.35 -31.06
C ASP A 387 33.65 10.39 -29.54
N LEU A 388 32.66 10.83 -28.78
CA LEU A 388 32.68 10.79 -27.29
C LEU A 388 32.64 9.33 -26.84
N LEU A 389 31.76 8.52 -27.42
CA LEU A 389 31.67 7.06 -27.12
C LEU A 389 33.03 6.41 -27.43
N MET A 390 33.65 6.79 -28.55
CA MET A 390 34.92 6.19 -29.01
C MET A 390 36.05 6.52 -28.04
N GLU A 391 36.17 7.78 -27.65
CA GLU A 391 37.21 8.21 -26.68
C GLU A 391 37.00 7.47 -25.37
N GLU A 392 35.77 7.44 -24.86
CA GLU A 392 35.43 6.81 -23.55
C GLU A 392 35.75 5.32 -23.58
N TYR A 393 35.31 4.56 -24.57
CA TYR A 393 35.33 3.07 -24.49
C TYR A 393 36.50 2.45 -25.27
N MET A 394 37.04 3.12 -26.29
CA MET A 394 38.05 2.48 -27.18
C MET A 394 39.39 3.23 -27.17
N GLY A 395 39.39 4.54 -26.95
CA GLY A 395 40.63 5.33 -26.90
C GLY A 395 41.51 5.12 -28.13
N ASP A 396 42.77 4.69 -27.96
CA ASP A 396 43.76 4.49 -29.06
C ASP A 396 43.76 3.05 -29.56
N THR A 397 42.86 2.19 -29.08
CA THR A 397 42.90 0.72 -29.34
C THR A 397 42.80 0.47 -30.85
N GLU A 398 43.65 -0.41 -31.38
CA GLU A 398 43.72 -0.76 -32.84
C GLU A 398 43.18 -2.17 -33.07
N ASP A 399 43.35 -3.06 -32.09
CA ASP A 399 43.07 -4.51 -32.21
C ASP A 399 41.56 -4.74 -32.39
N PRO A 400 41.10 -5.37 -33.50
CA PRO A 400 39.67 -5.60 -33.72
C PRO A 400 38.98 -6.38 -32.58
N GLU A 401 39.62 -7.44 -32.09
CA GLU A 401 39.07 -8.30 -31.00
C GLU A 401 38.81 -7.40 -29.78
N THR A 402 39.77 -6.55 -29.41
CA THR A 402 39.67 -5.65 -28.25
C THR A 402 38.57 -4.61 -28.49
N LEU A 403 38.54 -3.99 -29.68
CA LEU A 403 37.52 -2.99 -30.08
C LEU A 403 36.11 -3.60 -29.94
N GLN A 404 35.96 -4.87 -30.33
CA GLN A 404 34.64 -5.56 -30.31
C GLN A 404 34.21 -5.78 -28.85
N ALA A 405 35.15 -6.14 -27.98
CA ALA A 405 34.90 -6.34 -26.55
C ALA A 405 34.53 -5.00 -25.90
N GLN A 406 35.23 -3.92 -26.25
CA GLN A 406 34.91 -2.56 -25.76
C GLN A 406 33.51 -2.15 -26.23
N PHE A 407 33.12 -2.55 -27.43
CA PHE A 407 31.80 -2.21 -28.00
C PHE A 407 30.71 -2.94 -27.21
N ARG A 408 30.89 -4.23 -26.94
CA ARG A 408 29.92 -5.04 -26.15
C ARG A 408 29.83 -4.48 -24.73
N GLU A 409 30.95 -4.04 -24.13
CA GLU A 409 31.00 -3.42 -22.78
C GLU A 409 30.09 -2.19 -22.77
N MET A 410 30.30 -1.29 -23.73
N MET A 410 30.29 -1.30 -23.74
CA MET A 410 29.58 0.01 -23.86
CA MET A 410 29.58 0.00 -23.87
C MET A 410 28.07 -0.24 -23.95
C MET A 410 28.07 -0.24 -23.95
N LYS A 411 27.65 -1.25 -24.72
N LYS A 411 27.65 -1.25 -24.72
CA LYS A 411 26.20 -1.53 -24.92
CA LYS A 411 26.20 -1.53 -24.92
C LYS A 411 25.62 -2.09 -23.62
N GLY A 412 26.30 -3.04 -22.98
CA GLY A 412 25.85 -3.56 -21.69
C GLY A 412 25.74 -2.45 -20.64
N ASP A 413 26.67 -1.50 -20.64
CA ASP A 413 26.67 -0.37 -19.70
C ASP A 413 25.44 0.51 -19.94
N PHE A 414 25.17 0.88 -21.19
CA PHE A 414 24.06 1.78 -21.56
C PHE A 414 22.72 1.14 -21.20
N MET A 415 22.54 -0.13 -21.53
CA MET A 415 21.22 -0.83 -21.48
C MET A 415 20.93 -1.26 -20.04
N PHE A 416 21.93 -1.66 -19.27
CA PHE A 416 21.71 -2.41 -18.00
C PHE A 416 22.47 -1.80 -16.82
N VAL A 417 23.78 -1.59 -16.95
CA VAL A 417 24.62 -1.34 -15.76
C VAL A 417 24.35 0.08 -15.26
N ILE A 418 24.35 1.05 -16.15
CA ILE A 418 24.18 2.47 -15.74
C ILE A 418 22.75 2.65 -15.20
N PRO A 419 21.68 2.19 -15.88
CA PRO A 419 20.35 2.24 -15.28
C PRO A 419 20.27 1.59 -13.89
N ALA A 420 20.87 0.42 -13.66
CA ALA A 420 20.84 -0.25 -12.34
C ALA A 420 21.53 0.63 -11.29
N LEU A 421 22.68 1.22 -11.62
CA LEU A 421 23.45 2.05 -10.66
C LEU A 421 22.66 3.34 -10.34
N GLN A 422 21.94 3.90 -11.32
CA GLN A 422 21.14 5.13 -11.13
C GLN A 422 19.96 4.84 -10.22
N VAL A 423 19.26 3.72 -10.44
CA VAL A 423 18.09 3.33 -9.63
C VAL A 423 18.57 3.00 -8.22
N ALA A 424 19.70 2.31 -8.07
CA ALA A 424 20.27 1.94 -6.76
C ALA A 424 20.59 3.24 -5.99
N HIS A 425 21.10 4.25 -6.70
CA HIS A 425 21.42 5.58 -6.11
C HIS A 425 20.14 6.25 -5.59
N PHE A 426 19.07 6.23 -6.37
CA PHE A 426 17.78 6.84 -5.98
C PHE A 426 17.16 6.08 -4.79
N GLN A 427 17.22 4.76 -4.76
CA GLN A 427 16.59 3.95 -3.68
C GLN A 427 17.39 4.05 -2.37
N ARG A 428 18.72 4.07 -2.40
CA ARG A 428 19.57 3.72 -1.21
C ARG A 428 19.47 4.81 -0.13
N SER A 429 19.02 6.02 -0.43
CA SER A 429 18.91 7.07 0.61
C SER A 429 17.58 6.95 1.35
N HIS A 430 16.64 6.12 0.87
CA HIS A 430 15.29 5.94 1.47
C HIS A 430 15.12 4.54 2.09
N ALA A 431 15.85 3.54 1.62
CA ALA A 431 15.62 2.13 2.03
C ALA A 431 16.88 1.33 1.74
N PRO A 432 17.04 0.17 2.41
CA PRO A 432 18.18 -0.71 2.14
C PRO A 432 18.21 -1.18 0.68
N VAL A 433 19.36 -1.02 0.06
CA VAL A 433 19.68 -1.60 -1.27
C VAL A 433 20.85 -2.54 -1.09
N TYR A 434 20.73 -3.76 -1.56
CA TYR A 434 21.89 -4.67 -1.67
C TYR A 434 22.23 -4.84 -3.15
N PHE A 435 23.41 -4.38 -3.56
CA PHE A 435 23.82 -4.36 -4.98
C PHE A 435 24.77 -5.54 -5.26
N TYR A 436 24.58 -6.22 -6.40
CA TYR A 436 25.47 -7.33 -6.85
C TYR A 436 25.90 -7.11 -8.30
N GLU A 437 27.13 -7.52 -8.60
CA GLU A 437 27.59 -7.80 -9.97
C GLU A 437 27.88 -9.28 -10.05
N PHE A 438 27.12 -9.98 -10.88
CA PHE A 438 27.28 -11.45 -11.05
C PHE A 438 28.33 -11.70 -12.14
N GLN A 439 29.23 -12.60 -11.84
CA GLN A 439 30.49 -12.78 -12.61
C GLN A 439 30.69 -14.24 -13.00
N HIS A 440 29.81 -15.17 -12.60
CA HIS A 440 30.08 -16.60 -12.85
C HIS A 440 29.67 -17.04 -14.26
N ARG A 441 30.65 -17.45 -15.05
CA ARG A 441 30.45 -18.08 -16.38
C ARG A 441 29.93 -19.49 -16.15
N PRO A 442 28.69 -19.82 -16.61
CA PRO A 442 28.14 -21.17 -16.46
C PRO A 442 28.95 -22.26 -17.18
N SER A 443 29.26 -23.34 -16.48
CA SER A 443 30.11 -24.46 -16.95
C SER A 443 29.49 -25.11 -18.20
N PHE A 444 28.17 -25.25 -18.24
CA PHE A 444 27.46 -26.00 -19.31
C PHE A 444 27.49 -25.22 -20.63
N PHE A 445 27.70 -23.90 -20.59
CA PHE A 445 27.69 -23.02 -21.79
C PHE A 445 29.10 -22.63 -22.23
N LYS A 446 30.07 -22.78 -21.33
CA LYS A 446 31.46 -22.26 -21.50
C LYS A 446 32.03 -22.78 -22.83
N ASP A 447 31.87 -24.07 -23.11
CA ASP A 447 32.50 -24.73 -24.29
C ASP A 447 31.76 -24.29 -25.56
N PHE A 448 30.43 -24.14 -25.47
CA PHE A 448 29.55 -23.79 -26.61
C PHE A 448 29.73 -22.33 -27.08
N ARG A 449 29.95 -21.36 -26.20
CA ARG A 449 29.98 -19.90 -26.53
C ARG A 449 31.41 -19.47 -26.87
N PRO A 450 31.62 -18.29 -27.50
CA PRO A 450 32.96 -17.75 -27.65
C PRO A 450 33.67 -17.62 -26.30
N PRO A 451 35.00 -17.83 -26.23
CA PRO A 451 35.72 -17.77 -24.96
C PRO A 451 35.77 -16.39 -24.28
N TYR A 452 35.48 -15.29 -25.00
CA TYR A 452 35.47 -13.90 -24.46
C TYR A 452 34.26 -13.67 -23.54
N VAL A 453 33.21 -14.50 -23.64
CA VAL A 453 31.93 -14.27 -22.90
C VAL A 453 32.14 -14.61 -21.42
N LYS A 454 31.88 -13.64 -20.54
CA LYS A 454 31.91 -13.86 -19.07
C LYS A 454 30.49 -14.25 -18.63
N ALA A 455 29.92 -13.63 -17.59
CA ALA A 455 28.53 -13.90 -17.16
C ALA A 455 27.58 -13.10 -18.06
N ASP A 456 27.01 -13.78 -19.03
CA ASP A 456 26.11 -13.22 -20.05
C ASP A 456 24.78 -12.82 -19.39
N HIS A 457 24.01 -12.01 -20.07
CA HIS A 457 22.60 -11.71 -19.73
C HIS A 457 21.85 -13.02 -19.43
N GLY A 458 21.29 -13.11 -18.23
CA GLY A 458 20.45 -14.22 -17.76
C GLY A 458 21.22 -15.32 -17.06
N ASP A 459 22.56 -15.26 -17.01
CA ASP A 459 23.35 -16.41 -16.51
C ASP A 459 23.09 -16.68 -15.02
N GLU A 460 22.66 -15.69 -14.24
CA GLU A 460 22.39 -15.85 -12.79
C GLU A 460 21.07 -16.59 -12.54
N ILE A 461 20.15 -16.59 -13.51
CA ILE A 461 18.80 -17.21 -13.36
C ILE A 461 18.98 -18.69 -13.06
N PHE A 462 19.96 -19.33 -13.69
CA PHE A 462 20.25 -20.77 -13.52
C PHE A 462 20.52 -21.03 -12.04
N LEU A 463 21.22 -20.12 -11.36
CA LEU A 463 21.64 -20.35 -9.95
C LEU A 463 20.50 -19.96 -9.01
N VAL A 464 19.71 -18.93 -9.34
CA VAL A 464 18.54 -18.51 -8.53
C VAL A 464 17.54 -19.67 -8.44
N PHE A 465 17.34 -20.44 -9.52
CA PHE A 465 16.36 -21.55 -9.53
C PHE A 465 17.00 -22.91 -9.25
N GLY A 466 18.25 -22.97 -8.79
CA GLY A 466 18.95 -24.23 -8.43
C GLY A 466 19.08 -25.17 -9.63
N TYR A 467 19.30 -24.59 -10.82
CA TYR A 467 19.53 -25.29 -12.11
C TYR A 467 18.29 -26.08 -12.55
N GLN A 468 17.13 -25.79 -11.97
CA GLN A 468 15.85 -26.48 -12.26
C GLN A 468 14.99 -25.57 -13.13
N PHE A 469 14.62 -26.03 -14.34
CA PHE A 469 13.67 -25.34 -15.26
C PHE A 469 12.60 -26.30 -15.75
N GLY A 470 11.61 -25.80 -16.48
CA GLY A 470 10.56 -26.64 -17.10
C GLY A 470 11.17 -27.87 -17.75
N ASN A 471 10.92 -29.05 -17.17
CA ASN A 471 11.35 -30.41 -17.60
C ASN A 471 12.84 -30.52 -17.97
N ILE A 472 13.73 -29.67 -17.44
CA ILE A 472 15.21 -29.85 -17.56
C ILE A 472 15.88 -29.57 -16.20
N LYS A 473 16.79 -30.44 -15.79
CA LYS A 473 17.78 -30.14 -14.72
C LYS A 473 19.12 -29.89 -15.43
N LEU A 474 19.66 -28.67 -15.35
CA LEU A 474 20.92 -28.33 -16.04
C LEU A 474 22.08 -28.98 -15.30
N PRO A 475 23.14 -29.41 -16.03
CA PRO A 475 24.33 -29.96 -15.39
C PRO A 475 25.17 -28.87 -14.73
N TYR A 476 25.72 -29.18 -13.57
CA TYR A 476 26.52 -28.20 -12.78
C TYR A 476 27.65 -28.93 -12.06
N THR A 477 28.74 -28.20 -11.85
CA THR A 477 29.92 -28.63 -11.05
C THR A 477 29.57 -28.55 -9.57
N GLU A 478 30.37 -29.19 -8.70
CA GLU A 478 30.24 -29.05 -7.23
C GLU A 478 30.31 -27.58 -6.83
N GLU A 479 31.24 -26.81 -7.40
CA GLU A 479 31.42 -25.37 -7.05
C GLU A 479 30.15 -24.60 -7.41
N GLU A 480 29.54 -24.94 -8.55
CA GLU A 480 28.31 -24.27 -9.03
C GLU A 480 27.15 -24.61 -8.10
N GLU A 481 27.10 -25.83 -7.58
CA GLU A 481 26.06 -26.23 -6.60
C GLU A 481 26.19 -25.35 -5.35
N GLN A 482 27.40 -25.13 -4.87
CA GLN A 482 27.65 -24.38 -3.62
C GLN A 482 27.28 -22.92 -3.85
N LEU A 483 27.62 -22.38 -5.01
CA LEU A 483 27.32 -20.97 -5.38
C LEU A 483 25.80 -20.81 -5.56
N SER A 484 25.11 -21.80 -6.13
CA SER A 484 23.64 -21.74 -6.30
C SER A 484 22.98 -21.82 -4.92
N ARG A 485 23.47 -22.67 -4.03
CA ARG A 485 22.95 -22.76 -2.64
C ARG A 485 23.13 -21.41 -1.94
N ARG A 486 24.27 -20.75 -2.15
CA ARG A 486 24.57 -19.42 -1.58
C ARG A 486 23.56 -18.41 -2.14
N ILE A 487 23.31 -18.40 -3.45
CA ILE A 487 22.43 -17.39 -4.10
C ILE A 487 20.98 -17.63 -3.67
N MET A 488 20.52 -18.88 -3.67
CA MET A 488 19.15 -19.24 -3.20
C MET A 488 18.97 -18.81 -1.75
N LYS A 489 19.99 -18.98 -0.90
CA LYS A 489 19.88 -18.60 0.54
C LYS A 489 19.94 -17.07 0.66
N TYR A 490 20.77 -16.37 -0.09
CA TYR A 490 20.75 -14.89 -0.12
C TYR A 490 19.33 -14.41 -0.45
N TRP A 491 18.73 -14.97 -1.50
CA TRP A 491 17.42 -14.50 -2.03
C TRP A 491 16.32 -14.84 -1.02
N ALA A 492 16.35 -16.02 -0.44
CA ALA A 492 15.33 -16.48 0.53
C ALA A 492 15.47 -15.74 1.87
N ASN A 493 16.70 -15.47 2.30
CA ASN A 493 17.01 -14.65 3.50
C ASN A 493 16.41 -13.27 3.30
N PHE A 494 16.58 -12.73 2.09
CA PHE A 494 16.03 -11.42 1.71
C PHE A 494 14.50 -11.48 1.73
N ALA A 495 13.90 -12.55 1.21
CA ALA A 495 12.44 -12.77 1.30
C ALA A 495 11.97 -12.81 2.77
N ARG A 496 12.72 -13.46 3.67
CA ARG A 496 12.35 -13.57 5.11
C ARG A 496 12.54 -12.23 5.85
N HIS A 497 13.62 -11.48 5.59
CA HIS A 497 14.12 -10.42 6.51
C HIS A 497 14.47 -9.10 5.83
N GLY A 498 14.39 -9.00 4.51
CA GLY A 498 14.83 -7.79 3.78
C GLY A 498 16.34 -7.60 3.89
N ASN A 499 17.07 -8.67 4.14
CA ASN A 499 18.54 -8.66 4.26
C ASN A 499 19.01 -10.04 3.79
N PRO A 500 19.91 -10.11 2.78
CA PRO A 500 20.39 -11.39 2.28
C PRO A 500 21.30 -12.16 3.26
N ASN A 501 21.83 -11.49 4.29
CA ASN A 501 22.93 -12.05 5.12
C ASN A 501 22.43 -13.10 6.11
N SER A 502 23.25 -14.11 6.32
CA SER A 502 23.10 -15.07 7.44
C SER A 502 24.46 -15.73 7.68
N GLU A 503 24.63 -16.28 8.87
CA GLU A 503 25.93 -16.81 9.32
C GLU A 503 26.33 -17.94 8.36
N GLY A 504 27.55 -17.91 7.84
CA GLY A 504 27.96 -18.96 6.89
C GLY A 504 27.86 -18.50 5.44
N LEU A 505 27.11 -17.43 5.13
CA LEU A 505 27.16 -16.81 3.79
C LEU A 505 28.20 -15.69 3.85
N PRO A 506 28.99 -15.51 2.76
CA PRO A 506 29.86 -14.36 2.66
C PRO A 506 29.07 -13.07 2.87
N TYR A 507 29.68 -12.11 3.55
CA TYR A 507 29.04 -10.81 3.89
C TYR A 507 28.67 -10.06 2.61
N TRP A 508 27.43 -9.59 2.58
CA TRP A 508 26.91 -8.70 1.52
C TRP A 508 26.58 -7.37 2.16
N PRO A 509 27.46 -6.36 2.05
CA PRO A 509 27.20 -5.05 2.66
C PRO A 509 26.05 -4.31 1.98
N VAL A 510 25.25 -3.65 2.79
CA VAL A 510 24.19 -2.75 2.26
C VAL A 510 24.90 -1.60 1.52
N MET A 511 24.24 -1.09 0.49
CA MET A 511 24.78 0.01 -0.33
C MET A 511 24.48 1.35 0.35
N ASP A 512 25.52 2.10 0.73
CA ASP A 512 25.39 3.49 1.25
C ASP A 512 26.32 4.41 0.43
N HIS A 513 26.78 5.54 1.01
CA HIS A 513 27.63 6.56 0.34
C HIS A 513 28.97 5.93 -0.11
N ASP A 514 29.43 4.86 0.54
CA ASP A 514 30.66 4.11 0.15
C ASP A 514 30.38 3.22 -1.08
N GLU A 515 29.10 2.95 -1.39
CA GLU A 515 28.65 2.37 -2.69
C GLU A 515 29.30 0.99 -2.89
N GLN A 516 29.30 0.19 -1.83
CA GLN A 516 29.81 -1.20 -1.86
C GLN A 516 28.82 -2.08 -2.63
N TYR A 517 29.34 -3.12 -3.27
CA TYR A 517 28.54 -4.13 -3.98
C TYR A 517 29.20 -5.50 -3.86
N LEU A 518 28.39 -6.54 -3.95
CA LEU A 518 28.85 -7.95 -3.94
C LEU A 518 29.38 -8.32 -5.33
N GLN A 519 30.64 -8.72 -5.40
CA GLN A 519 31.23 -9.38 -6.59
C GLN A 519 30.86 -10.85 -6.47
N LEU A 520 29.81 -11.25 -7.15
CA LEU A 520 29.15 -12.55 -6.95
C LEU A 520 29.73 -13.56 -7.94
N ASP A 521 30.58 -14.45 -7.40
CA ASP A 521 31.36 -15.47 -8.14
C ASP A 521 31.70 -16.59 -7.15
N ILE A 522 32.34 -17.67 -7.60
CA ILE A 522 32.75 -18.79 -6.70
C ILE A 522 33.56 -18.18 -5.55
N GLN A 523 34.60 -17.40 -5.82
CA GLN A 523 35.40 -16.73 -4.75
C GLN A 523 34.71 -15.42 -4.43
N PRO A 524 34.17 -15.26 -3.20
CA PRO A 524 33.43 -14.05 -2.88
C PRO A 524 34.37 -12.85 -2.66
N SER A 525 33.94 -11.68 -3.09
CA SER A 525 34.63 -10.41 -2.80
C SER A 525 33.63 -9.27 -2.86
N VAL A 526 34.07 -8.11 -2.38
CA VAL A 526 33.26 -6.87 -2.34
C VAL A 526 34.03 -5.78 -3.08
N GLY A 527 33.35 -5.00 -3.91
CA GLY A 527 33.93 -3.82 -4.54
C GLY A 527 33.24 -2.57 -4.06
N ARG A 528 33.73 -1.40 -4.46
CA ARG A 528 33.10 -0.08 -4.20
C ARG A 528 32.92 0.68 -5.53
N ALA A 529 31.82 1.40 -5.67
CA ALA A 529 31.56 2.34 -6.79
C ALA A 529 31.85 1.66 -8.14
N LEU A 530 31.07 0.63 -8.47
CA LEU A 530 31.22 -0.10 -9.75
C LEU A 530 31.22 0.88 -10.94
N LYS A 531 32.24 0.82 -11.78
CA LYS A 531 32.31 1.53 -13.09
C LYS A 531 32.06 3.02 -12.88
N ALA A 532 32.68 3.60 -11.86
CA ALA A 532 32.51 5.02 -11.46
C ALA A 532 32.86 5.95 -12.62
N ARG A 533 33.93 5.67 -13.36
CA ARG A 533 34.32 6.49 -14.54
C ARG A 533 33.25 6.41 -15.62
N ARG A 534 32.69 5.22 -15.89
CA ARG A 534 31.58 5.07 -16.86
C ARG A 534 30.35 5.82 -16.35
N LEU A 535 30.04 5.73 -15.07
CA LEU A 535 28.88 6.44 -14.49
C LEU A 535 29.05 7.95 -14.68
N GLN A 536 30.25 8.48 -14.41
CA GLN A 536 30.59 9.91 -14.64
C GLN A 536 30.36 10.25 -16.11
N PHE A 537 30.81 9.39 -17.02
CA PHE A 537 30.69 9.63 -18.48
C PHE A 537 29.21 9.76 -18.87
N TRP A 538 28.44 8.71 -18.58
CA TRP A 538 27.03 8.58 -19.05
C TRP A 538 26.16 9.65 -18.40
N THR A 539 26.39 10.00 -17.14
CA THR A 539 25.40 10.76 -16.33
C THR A 539 25.78 12.24 -16.23
N LYS A 540 27.03 12.62 -16.50
CA LYS A 540 27.45 14.04 -16.37
C LYS A 540 28.14 14.51 -17.67
N THR A 541 29.20 13.84 -18.10
CA THR A 541 30.05 14.29 -19.23
C THR A 541 29.21 14.39 -20.52
N LEU A 542 28.56 13.29 -20.90
CA LEU A 542 27.78 13.19 -22.15
C LEU A 542 26.59 14.16 -22.16
N PRO A 543 25.71 14.25 -21.13
CA PRO A 543 24.67 15.28 -21.07
C PRO A 543 25.18 16.73 -21.15
N GLN A 544 26.31 17.04 -20.49
CA GLN A 544 26.94 18.38 -20.55
C GLN A 544 27.31 18.67 -22.01
N LYS A 545 27.97 17.72 -22.68
CA LYS A 545 28.45 17.92 -24.07
C LYS A 545 27.25 17.98 -25.02
N ILE A 546 26.15 17.32 -24.73
CA ILE A 546 24.90 17.44 -25.55
C ILE A 546 24.32 18.85 -25.39
N GLN A 547 24.38 19.41 -24.20
CA GLN A 547 23.86 20.75 -23.94
C GLN A 547 24.76 21.81 -24.56
N GLU A 548 26.04 21.50 -24.79
CA GLU A 548 27.03 22.34 -25.49
C GLU A 548 26.80 22.27 -27.00
N LEU A 549 26.23 21.19 -27.56
CA LEU A 549 25.85 21.12 -29.00
C LEU A 549 24.68 22.09 -29.24
N LYS A 550 23.66 22.06 -28.37
CA LYS A 550 22.55 23.06 -28.31
C LYS A 550 23.12 24.46 -28.04
N GLY A 551 22.36 25.51 -28.38
CA GLY A 551 22.73 26.92 -28.17
C GLY A 551 24.11 27.24 -28.75
N GLN B 27 -16.78 32.31 -14.61
CA GLN B 27 -16.11 31.91 -13.32
C GLN B 27 -15.97 30.37 -13.29
N ASP B 28 -15.90 29.77 -12.09
CA ASP B 28 -15.60 28.33 -11.90
C ASP B 28 -16.70 27.44 -12.51
N SER B 29 -16.31 26.25 -12.94
CA SER B 29 -17.15 25.23 -13.61
C SER B 29 -18.31 24.75 -12.71
N ALA B 30 -19.54 24.71 -13.21
CA ALA B 30 -20.71 24.23 -12.44
C ALA B 30 -20.74 22.69 -12.34
N SER B 31 -20.16 21.97 -13.32
CA SER B 31 -20.20 20.49 -13.39
C SER B 31 -18.83 19.92 -13.76
N PRO B 32 -17.85 20.00 -12.84
CA PRO B 32 -16.50 19.54 -13.14
C PRO B 32 -16.47 18.02 -13.30
N ILE B 33 -15.67 17.55 -14.26
CA ILE B 33 -15.46 16.10 -14.51
C ILE B 33 -14.00 15.80 -14.16
N ARG B 34 -13.79 14.67 -13.50
CA ARG B 34 -12.45 14.28 -12.97
C ARG B 34 -12.25 12.80 -13.26
N ASN B 35 -11.02 12.41 -13.48
CA ASN B 35 -10.65 11.00 -13.77
C ASN B 35 -10.47 10.23 -12.45
N THR B 36 -10.89 8.97 -12.46
CA THR B 36 -10.47 7.94 -11.47
C THR B 36 -10.07 6.70 -12.27
N HIS B 37 -9.38 5.78 -11.60
CA HIS B 37 -8.93 4.51 -12.21
C HIS B 37 -10.15 3.76 -12.77
N THR B 38 -11.32 3.91 -12.16
CA THR B 38 -12.55 3.16 -12.50
C THR B 38 -13.46 3.97 -13.42
N GLY B 39 -13.10 5.22 -13.73
CA GLY B 39 -13.92 6.03 -14.64
C GLY B 39 -14.09 7.46 -14.20
N GLN B 40 -14.78 8.22 -15.03
CA GLN B 40 -14.98 9.66 -14.81
C GLN B 40 -16.11 9.89 -13.83
N VAL B 41 -15.98 10.96 -13.05
CA VAL B 41 -17.04 11.37 -12.11
C VAL B 41 -17.36 12.85 -12.35
N ARG B 42 -18.63 13.21 -12.21
CA ARG B 42 -19.14 14.58 -12.36
C ARG B 42 -19.45 15.15 -10.97
N GLY B 43 -18.77 16.23 -10.60
CA GLY B 43 -18.99 16.92 -9.32
C GLY B 43 -19.96 18.07 -9.45
N SER B 44 -20.02 18.91 -8.43
CA SER B 44 -20.83 20.15 -8.46
C SER B 44 -20.09 21.28 -7.75
N LEU B 45 -20.57 22.50 -7.96
CA LEU B 45 -19.97 23.75 -7.47
C LEU B 45 -20.79 24.23 -6.28
N VAL B 46 -20.09 24.62 -5.23
CA VAL B 46 -20.63 25.00 -3.90
C VAL B 46 -19.91 26.28 -3.50
N HIS B 47 -20.63 27.21 -2.87
CA HIS B 47 -20.03 28.46 -2.33
C HIS B 47 -20.08 28.39 -0.81
N VAL B 48 -19.04 28.87 -0.14
CA VAL B 48 -19.08 29.01 1.35
C VAL B 48 -19.26 30.50 1.69
N LYS B 49 -19.68 30.77 2.92
CA LYS B 49 -20.06 32.14 3.39
C LYS B 49 -18.81 33.04 3.40
N ASP B 50 -18.94 34.27 2.88
CA ASP B 50 -17.94 35.37 2.99
C ASP B 50 -16.64 35.04 2.25
N THR B 51 -16.69 34.30 1.13
CA THR B 51 -15.51 34.13 0.23
C THR B 51 -15.91 34.23 -1.26
N ASP B 52 -15.03 34.81 -2.07
CA ASP B 52 -14.99 34.63 -3.55
C ASP B 52 -14.56 33.18 -3.87
N ILE B 53 -13.82 32.54 -2.96
CA ILE B 53 -13.40 31.11 -3.10
C ILE B 53 -14.62 30.18 -3.03
N ALA B 54 -14.81 29.43 -4.11
CA ALA B 54 -15.83 28.38 -4.29
C ALA B 54 -15.15 27.01 -4.18
N VAL B 55 -15.96 25.97 -4.07
CA VAL B 55 -15.52 24.57 -3.80
C VAL B 55 -16.18 23.63 -4.82
N HIS B 56 -15.40 22.68 -5.31
CA HIS B 56 -15.94 21.57 -6.12
C HIS B 56 -16.13 20.40 -5.18
N THR B 57 -17.30 19.76 -5.21
CA THR B 57 -17.59 18.57 -4.38
C THR B 57 -17.78 17.35 -5.29
N PHE B 58 -17.31 16.20 -4.84
CA PHE B 58 -17.45 14.91 -5.54
C PHE B 58 -17.87 13.91 -4.48
N LEU B 59 -19.15 13.57 -4.49
CA LEU B 59 -19.81 12.81 -3.40
C LEU B 59 -20.06 11.38 -3.88
N GLY B 60 -19.95 10.42 -2.95
CA GLY B 60 -20.32 9.02 -3.19
C GLY B 60 -19.41 8.34 -4.18
N ILE B 61 -18.10 8.56 -4.13
CA ILE B 61 -17.15 7.84 -5.02
C ILE B 61 -16.82 6.49 -4.37
N PRO B 62 -16.99 5.37 -5.10
CA PRO B 62 -16.66 4.06 -4.56
C PRO B 62 -15.15 3.78 -4.53
N PHE B 63 -14.64 3.36 -3.37
CA PHE B 63 -13.20 3.04 -3.21
C PHE B 63 -13.02 1.53 -3.07
N ALA B 64 -14.12 0.78 -2.96
CA ALA B 64 -14.09 -0.69 -2.85
C ALA B 64 -15.36 -1.28 -3.44
N LYS B 65 -15.34 -2.58 -3.73
CA LYS B 65 -16.55 -3.33 -4.17
C LYS B 65 -17.51 -3.44 -2.98
N PRO B 66 -18.85 -3.33 -3.17
CA PRO B 66 -19.79 -3.49 -2.05
C PRO B 66 -19.61 -4.79 -1.28
N PRO B 67 -19.44 -4.71 0.07
CA PRO B 67 -19.04 -5.87 0.87
C PRO B 67 -20.25 -6.74 1.23
N VAL B 68 -20.86 -7.33 0.20
CA VAL B 68 -22.17 -8.03 0.28
C VAL B 68 -22.03 -9.45 -0.28
N GLY B 69 -22.94 -10.33 0.11
CA GLY B 69 -22.86 -11.75 -0.27
C GLY B 69 -21.59 -12.38 0.28
N PRO B 70 -20.73 -12.96 -0.56
CA PRO B 70 -19.48 -13.57 -0.07
C PRO B 70 -18.47 -12.53 0.40
N LEU B 71 -18.69 -11.24 0.10
CA LEU B 71 -17.77 -10.14 0.51
C LEU B 71 -18.16 -9.55 1.87
N ARG B 72 -19.27 -10.01 2.48
CA ARG B 72 -19.55 -9.76 3.92
C ARG B 72 -18.50 -10.53 4.77
N PHE B 73 -17.96 -9.88 5.79
CA PHE B 73 -16.90 -10.42 6.68
C PHE B 73 -15.66 -10.84 5.89
N ALA B 74 -15.34 -10.10 4.82
CA ALA B 74 -14.17 -10.35 3.93
C ALA B 74 -13.43 -9.04 3.71
N PRO B 75 -12.12 -9.08 3.43
CA PRO B 75 -11.37 -7.89 3.03
C PRO B 75 -12.03 -7.16 1.88
N PRO B 76 -11.85 -5.82 1.77
CA PRO B 76 -12.39 -5.07 0.64
C PRO B 76 -11.69 -5.46 -0.66
N GLU B 77 -12.48 -5.66 -1.71
CA GLU B 77 -11.95 -5.86 -3.09
C GLU B 77 -11.98 -4.52 -3.81
N ALA B 78 -11.12 -4.40 -4.82
CA ALA B 78 -11.00 -3.26 -5.74
C ALA B 78 -12.34 -3.03 -6.41
N PRO B 79 -12.78 -1.75 -6.56
CA PRO B 79 -14.05 -1.43 -7.21
C PRO B 79 -14.06 -1.75 -8.72
N GLU B 80 -15.25 -2.04 -9.23
CA GLU B 80 -15.57 -2.21 -10.67
C GLU B 80 -15.42 -0.89 -11.43
N PRO B 81 -14.87 -0.95 -12.67
CA PRO B 81 -14.99 0.14 -13.62
C PRO B 81 -16.45 0.45 -13.95
N TRP B 82 -16.73 1.66 -14.42
CA TRP B 82 -18.04 2.05 -14.99
C TRP B 82 -17.87 2.73 -16.35
N SER B 83 -18.92 2.67 -17.17
CA SER B 83 -18.93 3.10 -18.59
C SER B 83 -18.94 4.64 -18.70
N GLY B 84 -19.91 5.34 -18.11
CA GLY B 84 -20.14 6.74 -18.50
C GLY B 84 -19.36 7.74 -17.67
N VAL B 85 -19.94 8.93 -17.52
CA VAL B 85 -19.58 9.83 -16.39
C VAL B 85 -20.53 9.50 -15.25
N ARG B 86 -19.98 9.02 -14.13
CA ARG B 86 -20.75 8.69 -12.91
C ARG B 86 -21.21 9.98 -12.23
N ASP B 87 -22.45 10.02 -11.75
CA ASP B 87 -22.98 11.13 -10.92
C ASP B 87 -22.20 11.17 -9.59
N GLY B 88 -21.57 12.32 -9.32
CA GLY B 88 -20.89 12.61 -8.05
C GLY B 88 -21.59 13.75 -7.31
N THR B 89 -22.90 13.88 -7.47
CA THR B 89 -23.68 14.98 -6.82
C THR B 89 -24.57 14.46 -5.69
N SER B 90 -24.58 13.15 -5.41
CA SER B 90 -25.47 12.55 -4.38
C SER B 90 -24.64 11.98 -3.22
N HIS B 91 -25.04 12.27 -1.98
CA HIS B 91 -24.41 11.69 -0.76
C HIS B 91 -24.60 10.19 -0.74
N PRO B 92 -23.58 9.42 -0.31
CA PRO B 92 -23.68 7.97 -0.28
C PRO B 92 -24.53 7.49 0.90
N ASN B 93 -25.04 6.27 0.78
CA ASN B 93 -25.61 5.52 1.92
C ASN B 93 -24.59 5.46 3.07
N MET B 94 -25.09 5.60 4.31
CA MET B 94 -24.31 5.25 5.50
C MET B 94 -24.29 3.71 5.64
N CYS B 95 -23.31 3.17 6.34
CA CYS B 95 -23.26 1.72 6.66
C CYS B 95 -24.37 1.39 7.66
N LEU B 96 -24.74 0.11 7.72
CA LEU B 96 -25.73 -0.45 8.68
C LEU B 96 -25.32 -0.07 10.11
N GLN B 97 -26.30 0.44 10.85
CA GLN B 97 -26.14 0.95 12.22
C GLN B 97 -27.52 1.11 12.88
N ASN B 98 -27.56 1.29 14.20
CA ASN B 98 -28.81 1.40 14.98
C ASN B 98 -28.95 2.83 15.53
N ASP B 99 -30.13 3.18 16.03
CA ASP B 99 -30.46 4.56 16.52
C ASP B 99 -30.23 4.65 18.04
N ASN B 100 -29.17 4.02 18.58
CA ASN B 100 -29.05 3.73 20.03
C ASN B 100 -28.82 5.04 20.81
N ASP B 106 -31.23 15.97 22.11
CA ASP B 106 -31.37 14.57 21.62
C ASP B 106 -30.92 14.47 20.14
N LEU B 107 -30.89 13.24 19.64
CA LEU B 107 -30.64 12.88 18.21
C LEU B 107 -31.70 13.52 17.29
N LYS B 108 -32.77 14.09 17.85
CA LYS B 108 -33.74 14.97 17.14
C LYS B 108 -32.96 15.95 16.26
N MET B 109 -31.91 16.56 16.80
CA MET B 109 -31.18 17.64 16.09
C MET B 109 -30.27 17.01 15.02
N MET B 110 -29.69 15.83 15.27
CA MET B 110 -28.76 15.21 14.27
C MET B 110 -29.51 14.95 12.94
N ASN B 111 -30.79 14.58 12.97
CA ASN B 111 -31.58 14.29 11.73
C ASN B 111 -31.98 15.60 11.02
N LEU B 112 -32.07 16.74 11.70
CA LEU B 112 -32.24 18.06 11.03
C LEU B 112 -30.94 18.43 10.30
N ILE B 113 -29.78 18.22 10.94
CA ILE B 113 -28.47 18.67 10.41
C ILE B 113 -27.77 17.49 9.71
N LEU B 114 -28.57 16.62 9.08
CA LEU B 114 -28.09 15.52 8.22
C LEU B 114 -28.86 15.57 6.90
N PRO B 115 -28.20 15.31 5.76
CA PRO B 115 -28.93 15.08 4.52
C PRO B 115 -29.88 13.90 4.71
N PRO B 116 -30.84 13.70 3.79
CA PRO B 116 -31.65 12.48 3.78
C PRO B 116 -30.87 11.24 3.33
N ILE B 117 -29.97 10.78 4.19
CA ILE B 117 -29.06 9.62 3.92
C ILE B 117 -29.85 8.34 4.19
N SER B 118 -29.79 7.39 3.26
CA SER B 118 -30.29 6.02 3.48
C SER B 118 -29.17 5.14 4.05
N MET B 119 -29.50 3.93 4.48
CA MET B 119 -28.58 3.00 5.17
C MET B 119 -28.46 1.71 4.35
N SER B 120 -27.27 1.11 4.25
CA SER B 120 -27.05 -0.10 3.40
C SER B 120 -25.74 -0.80 3.78
N GLU B 121 -25.63 -2.10 3.48
CA GLU B 121 -24.30 -2.77 3.45
C GLU B 121 -23.45 -2.15 2.33
N ASP B 122 -24.09 -1.62 1.29
CA ASP B 122 -23.41 -0.93 0.17
C ASP B 122 -23.08 0.52 0.61
N CYS B 123 -21.95 0.70 1.29
CA CYS B 123 -21.61 2.00 1.95
C CYS B 123 -20.12 2.39 1.82
N LEU B 124 -19.31 1.64 1.06
CA LEU B 124 -17.86 1.91 0.93
C LEU B 124 -17.64 2.99 -0.13
N TYR B 125 -17.91 4.23 0.28
CA TYR B 125 -17.82 5.45 -0.54
C TYR B 125 -17.05 6.53 0.22
N LEU B 126 -16.47 7.46 -0.51
CA LEU B 126 -15.86 8.68 0.09
C LEU B 126 -16.36 9.95 -0.60
N ASN B 127 -16.23 11.07 0.09
CA ASN B 127 -16.64 12.43 -0.39
C ASN B 127 -15.41 13.33 -0.42
N ILE B 128 -15.29 14.17 -1.44
CA ILE B 128 -14.11 15.04 -1.69
C ILE B 128 -14.58 16.48 -1.81
N TYR B 129 -13.91 17.37 -1.09
CA TYR B 129 -14.10 18.84 -1.10
C TYR B 129 -12.79 19.46 -1.56
N VAL B 130 -12.81 20.17 -2.69
CA VAL B 130 -11.59 20.72 -3.34
C VAL B 130 -11.86 22.18 -3.66
N PRO B 131 -10.89 23.10 -3.48
CA PRO B 131 -11.05 24.46 -3.99
C PRO B 131 -11.37 24.39 -5.49
N ALA B 132 -12.33 25.19 -5.92
CA ALA B 132 -12.87 25.11 -7.30
C ALA B 132 -11.80 25.50 -8.35
N HIS B 133 -10.73 26.21 -7.99
CA HIS B 133 -9.62 26.55 -8.94
C HIS B 133 -8.87 25.27 -9.34
N ALA B 134 -8.86 24.25 -8.49
CA ALA B 134 -7.93 23.12 -8.59
C ALA B 134 -8.36 22.16 -9.71
N HIS B 135 -7.35 21.51 -10.28
N HIS B 135 -7.39 21.42 -10.23
CA HIS B 135 -7.43 20.60 -11.45
CA HIS B 135 -7.61 20.41 -11.29
C HIS B 135 -6.42 19.47 -11.19
C HIS B 135 -6.48 19.37 -11.16
N GLU B 136 -6.42 18.42 -12.01
N GLU B 136 -6.45 18.39 -12.04
CA GLU B 136 -5.35 17.37 -12.05
CA GLU B 136 -5.35 17.37 -12.05
C GLU B 136 -4.00 18.09 -11.97
N GLY B 137 -3.21 17.79 -10.94
CA GLY B 137 -1.83 18.32 -10.79
C GLY B 137 -1.69 19.59 -9.96
N SER B 138 -2.77 20.15 -9.38
CA SER B 138 -2.69 21.36 -8.52
C SER B 138 -1.82 21.10 -7.28
N ASN B 139 -1.71 19.84 -6.87
CA ASN B 139 -0.75 19.36 -5.83
C ASN B 139 -1.07 19.96 -4.45
N LEU B 140 -2.34 20.11 -4.11
CA LEU B 140 -2.74 20.65 -2.79
C LEU B 140 -2.55 19.60 -1.70
N PRO B 141 -2.27 20.00 -0.45
CA PRO B 141 -2.28 19.06 0.67
C PRO B 141 -3.66 18.42 0.79
N VAL B 142 -3.67 17.22 1.34
CA VAL B 142 -4.89 16.38 1.44
C VAL B 142 -5.10 16.03 2.90
N MET B 143 -6.31 16.22 3.39
CA MET B 143 -6.70 15.87 4.77
C MET B 143 -7.84 14.86 4.72
N VAL B 144 -7.60 13.68 5.29
CA VAL B 144 -8.56 12.55 5.20
C VAL B 144 -9.22 12.39 6.56
N TRP B 145 -10.50 12.77 6.64
CA TRP B 145 -11.32 12.69 7.87
C TRP B 145 -11.89 11.29 8.06
N ILE B 146 -11.62 10.71 9.22
CA ILE B 146 -12.21 9.40 9.65
C ILE B 146 -13.20 9.68 10.77
N HIS B 147 -14.49 9.49 10.51
CA HIS B 147 -15.57 9.81 11.48
C HIS B 147 -15.50 8.86 12.68
N GLY B 148 -15.95 9.32 13.85
CA GLY B 148 -16.14 8.52 15.07
C GLY B 148 -17.57 7.97 15.18
N GLY B 149 -17.98 7.54 16.38
CA GLY B 149 -19.23 6.80 16.62
C GLY B 149 -19.00 5.39 17.15
N ALA B 150 -18.00 5.19 18.00
CA ALA B 150 -17.76 3.95 18.80
C ALA B 150 -17.56 2.73 17.89
N LEU B 151 -17.18 2.94 16.63
CA LEU B 151 -17.04 1.90 15.56
C LEU B 151 -18.39 1.19 15.32
N THR B 152 -19.51 1.81 15.68
CA THR B 152 -20.88 1.25 15.49
C THR B 152 -21.81 2.25 14.80
N VAL B 153 -21.55 3.55 14.84
CA VAL B 153 -22.40 4.58 14.17
C VAL B 153 -21.53 5.59 13.40
N GLY B 154 -22.19 6.37 12.55
CA GLY B 154 -21.61 7.52 11.86
C GLY B 154 -21.58 7.36 10.36
N MET B 155 -21.15 8.42 9.69
CA MET B 155 -21.16 8.53 8.22
C MET B 155 -20.34 9.75 7.81
N ALA B 156 -19.87 9.77 6.57
CA ALA B 156 -19.05 10.87 6.02
C ALA B 156 -19.94 12.11 5.87
N SER B 157 -21.20 11.93 5.50
CA SER B 157 -22.11 13.02 5.02
C SER B 157 -22.57 13.97 6.14
N MET B 158 -22.29 13.67 7.39
CA MET B 158 -22.44 14.58 8.56
C MET B 158 -21.44 15.74 8.45
N TYR B 159 -20.30 15.48 7.82
CA TYR B 159 -19.16 16.43 7.74
C TYR B 159 -19.15 17.09 6.37
N ASP B 160 -19.04 18.42 6.38
CA ASP B 160 -18.86 19.22 5.14
C ASP B 160 -17.47 19.86 5.21
N GLY B 161 -16.58 19.45 4.30
CA GLY B 161 -15.19 19.94 4.29
C GLY B 161 -15.03 21.26 3.54
N SER B 162 -16.11 21.87 3.04
CA SER B 162 -16.05 23.03 2.11
C SER B 162 -15.30 24.21 2.74
N MET B 163 -15.61 24.54 4.00
CA MET B 163 -15.04 25.71 4.69
C MET B 163 -13.53 25.46 4.93
N LEU B 164 -13.15 24.28 5.38
CA LEU B 164 -11.72 23.91 5.59
C LEU B 164 -11.00 23.96 4.23
N ALA B 165 -11.59 23.36 3.20
CA ALA B 165 -11.00 23.30 1.84
C ALA B 165 -10.76 24.71 1.33
N ALA B 166 -11.77 25.57 1.41
CA ALA B 166 -11.77 26.93 0.85
C ALA B 166 -10.78 27.81 1.63
N THR B 167 -10.83 27.80 2.96
CA THR B 167 -10.01 28.71 3.80
C THR B 167 -8.52 28.33 3.70
N GLU B 168 -8.16 27.06 3.63
CA GLU B 168 -6.74 26.64 3.80
C GLU B 168 -6.17 26.04 2.52
N ASP B 169 -6.88 26.12 1.41
CA ASP B 169 -6.40 25.68 0.08
C ASP B 169 -5.98 24.21 0.18
N VAL B 170 -6.91 23.39 0.63
CA VAL B 170 -6.64 21.98 0.99
C VAL B 170 -7.75 21.06 0.44
N VAL B 171 -7.40 19.86 0.01
CA VAL B 171 -8.38 18.80 -0.38
C VAL B 171 -8.83 18.11 0.89
N VAL B 172 -10.15 18.09 1.15
CA VAL B 172 -10.72 17.35 2.32
C VAL B 172 -11.48 16.13 1.83
N VAL B 173 -11.10 14.96 2.32
CA VAL B 173 -11.70 13.66 1.95
C VAL B 173 -12.37 13.08 3.20
N ALA B 174 -13.68 12.83 3.15
CA ALA B 174 -14.41 12.17 4.25
C ALA B 174 -14.70 10.72 3.83
N ILE B 175 -14.18 9.75 4.57
CA ILE B 175 -14.33 8.31 4.20
C ILE B 175 -15.46 7.66 5.03
N GLN B 176 -15.91 6.49 4.56
CA GLN B 176 -16.78 5.56 5.32
C GLN B 176 -16.06 4.22 5.42
N TYR B 177 -16.54 3.39 6.32
CA TYR B 177 -15.94 2.07 6.63
C TYR B 177 -17.03 1.26 7.34
N ARG B 178 -16.93 -0.07 7.27
CA ARG B 178 -17.91 -0.97 7.91
C ARG B 178 -17.94 -0.74 9.42
N LEU B 179 -19.14 -0.73 9.99
CA LEU B 179 -19.38 -0.47 11.43
C LEU B 179 -19.98 -1.73 12.05
N GLY B 180 -19.88 -1.81 13.37
CA GLY B 180 -20.53 -2.83 14.20
C GLY B 180 -20.07 -4.22 13.82
N VAL B 181 -21.02 -5.14 13.75
CA VAL B 181 -20.75 -6.59 13.55
C VAL B 181 -20.18 -6.72 12.14
N LEU B 182 -20.73 -5.99 11.18
CA LEU B 182 -20.25 -6.09 9.77
C LEU B 182 -18.81 -5.59 9.63
N GLY B 183 -18.41 -4.63 10.47
CA GLY B 183 -17.05 -4.07 10.52
C GLY B 183 -16.09 -4.86 11.40
N PHE B 184 -16.55 -5.50 12.48
CA PHE B 184 -15.64 -5.90 13.59
C PHE B 184 -15.94 -7.31 14.13
N PHE B 185 -16.83 -8.08 13.49
CA PHE B 185 -17.00 -9.52 13.81
C PHE B 185 -15.70 -10.28 13.50
N SER B 186 -15.32 -11.19 14.40
CA SER B 186 -14.08 -12.01 14.29
C SER B 186 -14.32 -13.38 14.91
N THR B 187 -13.88 -14.45 14.27
CA THR B 187 -13.81 -15.82 14.83
C THR B 187 -12.47 -16.02 15.53
N GLY B 188 -11.53 -15.08 15.39
CA GLY B 188 -10.15 -15.24 15.89
C GLY B 188 -9.37 -16.30 15.13
N ASP B 189 -9.82 -16.65 13.92
CA ASP B 189 -9.20 -17.69 13.06
C ASP B 189 -9.37 -17.28 11.59
N GLN B 190 -8.86 -18.09 10.66
CA GLN B 190 -8.77 -17.74 9.22
C GLN B 190 -10.16 -17.50 8.60
N HIS B 191 -11.25 -17.97 9.21
CA HIS B 191 -12.60 -17.85 8.59
C HIS B 191 -13.12 -16.42 8.75
N ALA B 192 -12.70 -15.72 9.82
CA ALA B 192 -13.07 -14.30 10.05
C ALA B 192 -12.04 -13.62 10.98
N LYS B 193 -10.90 -13.18 10.45
CA LYS B 193 -9.83 -12.58 11.28
C LYS B 193 -10.32 -11.29 11.95
N GLY B 194 -11.15 -10.50 11.27
CA GLY B 194 -11.79 -9.31 11.82
C GLY B 194 -11.21 -8.01 11.27
N ASN B 195 -11.58 -6.88 11.87
CA ASN B 195 -11.08 -5.52 11.53
C ASN B 195 -11.47 -5.14 10.10
N TRP B 196 -12.60 -5.64 9.59
CA TRP B 196 -13.14 -5.30 8.24
C TRP B 196 -13.19 -3.78 8.07
N GLY B 197 -13.73 -3.07 9.06
CA GLY B 197 -13.83 -1.60 9.06
C GLY B 197 -12.47 -0.94 8.92
N TYR B 198 -11.45 -1.45 9.59
CA TYR B 198 -10.08 -0.88 9.50
C TYR B 198 -9.49 -1.18 8.12
N LEU B 199 -9.74 -2.37 7.56
CA LEU B 199 -9.29 -2.75 6.19
C LEU B 199 -9.98 -1.84 5.15
N ASP B 200 -11.23 -1.48 5.36
CA ASP B 200 -11.95 -0.50 4.50
C ASP B 200 -11.25 0.86 4.54
N GLN B 201 -10.85 1.30 5.75
CA GLN B 201 -10.12 2.58 5.90
C GLN B 201 -8.78 2.47 5.14
N VAL B 202 -8.09 1.32 5.20
CA VAL B 202 -6.86 1.10 4.41
C VAL B 202 -7.18 1.21 2.92
N ALA B 203 -8.28 0.61 2.47
CA ALA B 203 -8.69 0.59 1.05
C ALA B 203 -8.98 2.02 0.60
N ALA B 204 -9.64 2.85 1.42
CA ALA B 204 -9.91 4.27 1.12
C ALA B 204 -8.60 5.07 1.00
N LEU B 205 -7.61 4.81 1.84
CA LEU B 205 -6.30 5.53 1.82
C LEU B 205 -5.48 5.08 0.61
N ARG B 206 -5.61 3.80 0.18
CA ARG B 206 -4.95 3.32 -1.06
C ARG B 206 -5.58 4.00 -2.25
N TRP B 207 -6.90 4.12 -2.25
CA TRP B 207 -7.63 4.84 -3.31
C TRP B 207 -7.08 6.28 -3.38
N VAL B 208 -6.90 6.96 -2.24
CA VAL B 208 -6.42 8.37 -2.20
C VAL B 208 -5.01 8.42 -2.82
N GLN B 209 -4.11 7.50 -2.45
CA GLN B 209 -2.75 7.39 -3.07
C GLN B 209 -2.86 7.28 -4.59
N GLN B 210 -3.81 6.50 -5.10
CA GLN B 210 -3.93 6.18 -6.55
C GLN B 210 -4.64 7.28 -7.33
N ASN B 211 -5.50 8.09 -6.70
CA ASN B 211 -6.50 8.88 -7.47
C ASN B 211 -6.50 10.36 -7.12
N ILE B 212 -6.05 10.77 -5.93
CA ILE B 212 -6.29 12.16 -5.46
C ILE B 212 -5.56 13.17 -6.38
N VAL B 213 -4.49 12.78 -7.06
CA VAL B 213 -3.78 13.67 -8.04
C VAL B 213 -4.78 14.16 -9.11
N HIS B 214 -5.74 13.33 -9.49
CA HIS B 214 -6.73 13.67 -10.55
C HIS B 214 -7.66 14.80 -10.06
N PHE B 215 -7.77 14.98 -8.74
CA PHE B 215 -8.65 15.99 -8.12
C PHE B 215 -7.84 17.23 -7.74
N GLY B 216 -6.52 17.17 -7.88
CA GLY B 216 -5.62 18.28 -7.51
C GLY B 216 -4.99 18.11 -6.13
N GLY B 217 -5.01 16.90 -5.59
CA GLY B 217 -4.36 16.61 -4.30
C GLY B 217 -2.95 16.11 -4.49
N ASN B 218 -2.09 16.30 -3.50
CA ASN B 218 -0.72 15.76 -3.48
C ASN B 218 -0.71 14.48 -2.63
N PRO B 219 -0.57 13.28 -3.25
CA PRO B 219 -0.58 12.02 -2.52
C PRO B 219 0.58 11.91 -1.51
N ASP B 220 1.59 12.78 -1.63
CA ASP B 220 2.77 12.80 -0.73
C ASP B 220 2.56 13.77 0.43
N ARG B 221 1.42 14.46 0.46
CA ARG B 221 1.04 15.30 1.63
C ARG B 221 -0.39 14.95 2.02
N VAL B 222 -0.62 13.68 2.35
CA VAL B 222 -1.91 13.22 2.94
C VAL B 222 -1.75 13.21 4.46
N THR B 223 -2.62 13.93 5.16
CA THR B 223 -2.75 13.84 6.63
C THR B 223 -4.08 13.16 6.99
N ILE B 224 -4.04 12.13 7.81
CA ILE B 224 -5.25 11.47 8.34
C ILE B 224 -5.61 12.15 9.67
N PHE B 225 -6.87 12.50 9.84
CA PHE B 225 -7.39 13.13 11.07
C PHE B 225 -8.75 12.53 11.43
N GLY B 226 -9.03 12.53 12.72
CA GLY B 226 -10.27 11.93 13.25
C GLY B 226 -10.41 12.17 14.73
N GLU B 227 -11.64 12.09 15.18
CA GLU B 227 -12.02 12.35 16.58
C GLU B 227 -12.61 11.08 17.18
N SER B 228 -12.24 10.83 18.43
CA SER B 228 -12.73 9.71 19.27
C SER B 228 -12.42 8.39 18.57
N ALA B 229 -13.40 7.57 18.19
CA ALA B 229 -13.14 6.32 17.43
C ALA B 229 -12.40 6.62 16.12
N GLY B 230 -12.60 7.80 15.54
CA GLY B 230 -11.80 8.29 14.40
C GLY B 230 -10.35 8.54 14.79
N GLY B 231 -10.11 9.07 16.00
CA GLY B 231 -8.76 9.20 16.60
C GLY B 231 -8.15 7.83 16.86
N THR B 232 -8.92 6.91 17.43
CA THR B 232 -8.50 5.51 17.65
C THR B 232 -8.09 4.89 16.30
N SER B 233 -8.91 5.10 15.28
CA SER B 233 -8.67 4.64 13.90
C SER B 233 -7.33 5.22 13.39
N VAL B 234 -7.17 6.55 13.47
CA VAL B 234 -5.96 7.26 12.99
C VAL B 234 -4.75 6.65 13.70
N SER B 235 -4.82 6.57 15.02
CA SER B 235 -3.76 6.03 15.90
C SER B 235 -3.44 4.57 15.53
N SER B 236 -4.46 3.79 15.15
CA SER B 236 -4.24 2.39 14.71
C SER B 236 -3.49 2.38 13.38
N HIS B 237 -3.82 3.28 12.44
CA HIS B 237 -3.05 3.41 11.17
C HIS B 237 -1.59 3.73 11.47
N VAL B 238 -1.34 4.62 12.43
CA VAL B 238 0.03 5.07 12.80
C VAL B 238 0.88 3.86 13.20
N VAL B 239 0.31 2.84 13.88
CA VAL B 239 1.09 1.65 14.37
C VAL B 239 1.04 0.50 13.36
N SER B 240 0.17 0.57 12.37
CA SER B 240 -0.10 -0.56 11.46
C SER B 240 0.97 -0.66 10.38
N PRO B 241 1.63 -1.83 10.20
CA PRO B 241 2.51 -2.03 9.06
C PRO B 241 1.76 -1.96 7.72
N MET B 242 0.50 -2.31 7.75
CA MET B 242 -0.39 -2.33 6.56
C MET B 242 -0.69 -0.91 6.07
N SER B 243 -0.53 0.12 6.89
CA SER B 243 -0.88 1.54 6.56
C SER B 243 0.36 2.39 6.24
N GLN B 244 1.56 1.82 6.35
CA GLN B 244 2.86 2.44 6.00
C GLN B 244 2.81 3.02 4.58
N GLY B 245 3.15 4.31 4.43
CA GLY B 245 3.24 5.02 3.15
C GLY B 245 1.91 5.54 2.65
N LEU B 246 0.82 5.41 3.40
CA LEU B 246 -0.51 5.85 2.93
C LEU B 246 -0.83 7.26 3.44
N PHE B 247 0.05 7.81 4.27
CA PHE B 247 -0.14 9.17 4.82
C PHE B 247 1.21 9.66 5.33
N HIS B 248 1.37 10.97 5.33
CA HIS B 248 2.63 11.69 5.69
C HIS B 248 2.50 12.22 7.13
N GLY B 249 1.29 12.39 7.64
CA GLY B 249 1.06 12.91 9.00
C GLY B 249 -0.25 12.41 9.57
N ALA B 250 -0.39 12.51 10.88
CA ALA B 250 -1.58 12.03 11.62
C ALA B 250 -2.03 13.07 12.65
N ILE B 251 -3.33 13.21 12.81
CA ILE B 251 -3.94 14.06 13.86
C ILE B 251 -4.94 13.22 14.65
N MET B 252 -4.75 13.09 15.95
CA MET B 252 -5.53 12.23 16.85
C MET B 252 -6.27 13.13 17.84
N GLU B 253 -7.53 13.44 17.55
CA GLU B 253 -8.38 14.31 18.42
C GLU B 253 -9.17 13.41 19.41
N SER B 254 -8.87 13.47 20.70
CA SER B 254 -9.64 12.80 21.79
C SER B 254 -9.86 11.32 21.46
N GLY B 255 -8.80 10.63 21.06
CA GLY B 255 -8.88 9.19 20.79
C GLY B 255 -7.56 8.67 20.25
N VAL B 256 -7.10 7.55 20.82
CA VAL B 256 -5.87 6.84 20.38
C VAL B 256 -6.19 5.34 20.38
N ALA B 257 -5.22 4.53 19.93
CA ALA B 257 -5.40 3.12 19.55
C ALA B 257 -5.61 2.26 20.79
N VAL B 258 -5.22 2.78 21.96
CA VAL B 258 -5.30 2.03 23.26
C VAL B 258 -6.46 2.62 24.11
N LEU B 259 -7.37 3.41 23.52
CA LEU B 259 -8.66 3.82 24.15
C LEU B 259 -9.34 2.55 24.67
N PRO B 260 -9.52 2.37 26.00
CA PRO B 260 -9.75 1.04 26.59
C PRO B 260 -10.89 0.19 25.99
N ASP B 261 -12.05 0.77 25.67
CA ASP B 261 -13.22 0.00 25.16
C ASP B 261 -13.14 -0.30 23.66
N LEU B 262 -12.21 0.28 22.90
CA LEU B 262 -12.20 0.14 21.41
C LEU B 262 -11.10 -0.82 20.93
N ILE B 263 -10.40 -1.47 21.85
CA ILE B 263 -9.39 -2.50 21.47
C ILE B 263 -9.57 -3.72 22.39
N SER B 264 -9.43 -4.90 21.80
CA SER B 264 -9.58 -6.19 22.51
C SER B 264 -8.48 -7.14 22.05
N SER B 265 -7.92 -7.88 22.99
CA SER B 265 -6.93 -8.93 22.69
C SER B 265 -7.69 -10.15 22.15
N SER B 266 -8.84 -10.44 22.73
CA SER B 266 -9.62 -11.68 22.41
C SER B 266 -10.88 -11.34 21.60
N SER B 267 -11.19 -12.17 20.61
CA SER B 267 -12.42 -12.09 19.79
C SER B 267 -13.56 -12.89 20.46
N GLU B 268 -13.30 -13.59 21.57
CA GLU B 268 -14.22 -14.61 22.14
C GLU B 268 -15.64 -14.08 22.31
N MET B 269 -15.84 -12.94 22.96
CA MET B 269 -17.23 -12.52 23.29
C MET B 269 -18.00 -12.09 22.03
N VAL B 270 -17.40 -11.32 21.12
CA VAL B 270 -18.08 -10.94 19.85
C VAL B 270 -18.36 -12.20 19.03
N HIS B 271 -17.43 -13.15 19.02
CA HIS B 271 -17.59 -14.46 18.34
C HIS B 271 -18.82 -15.19 18.90
N ARG B 272 -18.86 -15.41 20.22
CA ARG B 272 -19.88 -16.28 20.88
C ARG B 272 -21.25 -15.57 20.84
N ILE B 273 -21.31 -14.26 21.09
CA ILE B 273 -22.58 -13.49 21.16
C ILE B 273 -23.23 -13.51 19.76
N VAL B 274 -22.49 -13.20 18.69
CA VAL B 274 -23.06 -13.16 17.32
C VAL B 274 -23.48 -14.58 16.91
N ALA B 275 -22.67 -15.61 17.19
CA ALA B 275 -22.97 -17.00 16.82
C ALA B 275 -24.28 -17.41 17.52
N ASN B 276 -24.44 -17.04 18.78
CA ASN B 276 -25.60 -17.41 19.61
C ASN B 276 -26.86 -16.66 19.12
N LEU B 277 -26.78 -15.33 19.03
CA LEU B 277 -27.96 -14.48 18.74
C LEU B 277 -28.49 -14.77 17.31
N SER B 278 -27.61 -15.09 16.37
CA SER B 278 -27.96 -15.33 14.94
C SER B 278 -28.77 -16.61 14.79
N GLY B 279 -28.79 -17.46 15.82
CA GLY B 279 -29.43 -18.78 15.78
C GLY B 279 -28.66 -19.77 14.93
N CYS B 280 -27.44 -19.44 14.52
CA CYS B 280 -26.66 -20.30 13.60
C CYS B 280 -26.15 -21.55 14.33
N ALA B 281 -26.38 -22.73 13.73
CA ALA B 281 -25.62 -23.99 13.94
C ALA B 281 -24.13 -23.68 13.72
N ALA B 282 -23.26 -23.96 14.71
CA ALA B 282 -21.90 -23.37 14.79
C ALA B 282 -20.85 -24.40 15.20
N VAL B 283 -20.98 -25.65 14.73
CA VAL B 283 -19.99 -26.76 15.00
C VAL B 283 -18.62 -26.37 14.42
N ASN B 284 -18.62 -25.67 13.28
CA ASN B 284 -17.42 -25.14 12.55
C ASN B 284 -17.58 -23.63 12.35
N SER B 285 -16.49 -22.86 12.40
CA SER B 285 -16.39 -21.46 11.89
C SER B 285 -16.80 -21.41 10.41
N GLU B 286 -16.44 -22.41 9.61
CA GLU B 286 -16.75 -22.45 8.16
C GLU B 286 -18.28 -22.53 7.96
N THR B 287 -18.97 -23.32 8.79
CA THR B 287 -20.45 -23.45 8.75
C THR B 287 -21.07 -22.14 9.25
N LEU B 288 -20.55 -21.59 10.35
CA LEU B 288 -21.03 -20.30 10.94
C LEU B 288 -20.97 -19.23 9.85
N MET B 289 -19.86 -19.12 9.12
CA MET B 289 -19.64 -18.02 8.15
C MET B 289 -20.67 -18.13 7.02
N CYS B 290 -20.96 -19.35 6.57
CA CYS B 290 -21.99 -19.60 5.52
C CYS B 290 -23.36 -19.15 6.04
N CYS B 291 -23.71 -19.53 7.26
CA CYS B 291 -24.99 -19.18 7.92
C CYS B 291 -25.10 -17.65 8.11
N LEU B 292 -24.06 -16.98 8.63
CA LEU B 292 -24.06 -15.50 8.83
C LEU B 292 -24.13 -14.77 7.48
N ARG B 293 -23.54 -15.29 6.41
CA ARG B 293 -23.61 -14.62 5.08
C ARG B 293 -25.01 -14.77 4.48
N GLY B 294 -25.78 -15.77 4.94
CA GLY B 294 -27.18 -15.96 4.53
C GLY B 294 -28.12 -14.94 5.15
N LYS B 295 -27.77 -14.30 6.26
CA LYS B 295 -28.72 -13.40 6.95
C LYS B 295 -28.96 -12.18 6.09
N ASN B 296 -30.19 -11.68 6.08
CA ASN B 296 -30.54 -10.43 5.36
C ASN B 296 -30.19 -9.20 6.25
N GLU B 297 -30.44 -7.99 5.74
CA GLU B 297 -30.04 -6.74 6.42
C GLU B 297 -30.81 -6.59 7.74
N ALA B 298 -32.11 -6.88 7.77
CA ALA B 298 -32.93 -6.73 9.00
C ALA B 298 -32.44 -7.67 10.11
N GLU B 299 -32.06 -8.90 9.76
CA GLU B 299 -31.54 -9.93 10.68
C GLU B 299 -30.19 -9.45 11.24
N MET B 300 -29.34 -8.92 10.37
CA MET B 300 -28.02 -8.38 10.76
C MET B 300 -28.19 -7.14 11.64
N LEU B 301 -29.15 -6.26 11.35
CA LEU B 301 -29.43 -5.07 12.20
C LEU B 301 -29.89 -5.50 13.60
N ALA B 302 -30.66 -6.58 13.70
CA ALA B 302 -31.14 -7.09 15.00
C ALA B 302 -29.95 -7.60 15.81
N ILE B 303 -29.06 -8.39 15.19
CA ILE B 303 -27.84 -8.90 15.89
C ILE B 303 -26.96 -7.70 16.28
N ASN B 304 -26.81 -6.72 15.39
CA ASN B 304 -25.95 -5.53 15.56
C ASN B 304 -26.41 -4.65 16.75
N LYS B 305 -27.71 -4.55 17.03
CA LYS B 305 -28.27 -3.58 18.02
C LYS B 305 -27.76 -3.83 19.44
N VAL B 306 -27.30 -5.04 19.72
CA VAL B 306 -26.77 -5.48 21.04
C VAL B 306 -25.48 -4.72 21.33
N PHE B 307 -24.72 -4.38 20.30
CA PHE B 307 -23.38 -3.74 20.46
C PHE B 307 -23.54 -2.21 20.32
N LYS B 308 -23.57 -1.49 21.43
CA LYS B 308 -23.57 -0.01 21.46
C LYS B 308 -22.16 0.48 21.11
N ILE B 309 -21.15 -0.27 21.53
CA ILE B 309 -19.72 -0.09 21.18
C ILE B 309 -19.19 -1.43 20.67
N ILE B 310 -18.18 -1.42 19.82
CA ILE B 310 -17.52 -2.69 19.41
C ILE B 310 -16.03 -2.44 19.24
N PRO B 311 -15.15 -3.34 19.71
CA PRO B 311 -13.71 -3.11 19.59
C PRO B 311 -13.08 -3.68 18.32
N GLY B 312 -11.97 -3.06 17.92
CA GLY B 312 -10.95 -3.72 17.08
C GLY B 312 -10.36 -4.91 17.80
N VAL B 313 -10.00 -5.96 17.09
CA VAL B 313 -9.22 -7.09 17.66
C VAL B 313 -7.77 -6.98 17.22
N VAL B 314 -6.91 -7.74 17.87
CA VAL B 314 -5.55 -8.05 17.34
C VAL B 314 -5.75 -9.11 16.25
N ASP B 315 -5.98 -8.68 15.01
CA ASP B 315 -6.37 -9.54 13.86
C ASP B 315 -5.16 -10.29 13.28
N GLY B 316 -3.93 -9.90 13.63
CA GLY B 316 -2.70 -10.46 13.02
C GLY B 316 -2.36 -9.85 11.65
N GLU B 317 -3.14 -8.90 11.14
CA GLU B 317 -2.89 -8.34 9.77
C GLU B 317 -2.81 -6.80 9.84
N PHE B 318 -3.93 -6.15 10.10
CA PHE B 318 -3.96 -4.70 10.29
C PHE B 318 -3.28 -4.34 11.62
N LEU B 319 -3.61 -5.08 12.68
CA LEU B 319 -2.93 -5.02 13.99
C LEU B 319 -2.29 -6.38 14.23
N PRO B 320 -1.01 -6.58 13.81
CA PRO B 320 -0.33 -7.87 14.01
C PRO B 320 -0.08 -8.20 15.49
N LYS B 321 -0.03 -7.18 16.33
CA LYS B 321 0.09 -7.30 17.80
C LYS B 321 -0.83 -6.26 18.42
N HIS B 322 -0.98 -6.27 19.73
CA HIS B 322 -1.73 -5.24 20.46
C HIS B 322 -1.09 -3.88 20.18
N PRO B 323 -1.87 -2.79 19.97
CA PRO B 323 -1.28 -1.46 19.77
C PRO B 323 -0.26 -1.07 20.87
N GLN B 324 -0.45 -1.51 22.11
CA GLN B 324 0.55 -1.26 23.20
C GLN B 324 1.93 -1.80 22.77
N GLU B 325 1.98 -3.05 22.34
CA GLU B 325 3.24 -3.72 21.94
C GLU B 325 3.84 -3.02 20.71
N LEU B 326 3.01 -2.61 19.75
CA LEU B 326 3.50 -1.94 18.52
C LEU B 326 4.13 -0.59 18.89
N MET B 327 3.56 0.18 19.83
CA MET B 327 4.07 1.52 20.24
C MET B 327 5.32 1.40 21.13
N ALA B 328 5.37 0.36 21.97
CA ALA B 328 6.47 0.12 22.91
C ALA B 328 7.70 -0.42 22.16
N SER B 329 7.52 -0.91 20.93
CA SER B 329 8.59 -1.52 20.10
C SER B 329 9.70 -0.50 19.84
N LYS B 330 10.94 -0.95 19.97
CA LYS B 330 12.16 -0.18 19.62
C LYS B 330 12.17 0.13 18.12
N ASP B 331 11.44 -0.62 17.29
CA ASP B 331 11.41 -0.40 15.81
C ASP B 331 10.12 0.31 15.39
N PHE B 332 9.39 0.93 16.31
CA PHE B 332 8.21 1.78 16.02
C PHE B 332 8.66 3.03 15.27
N HIS B 333 8.14 3.29 14.08
CA HIS B 333 8.55 4.47 13.26
C HIS B 333 7.31 5.29 12.88
N PRO B 334 6.67 6.01 13.83
CA PRO B 334 5.51 6.84 13.54
C PRO B 334 5.81 8.04 12.63
N VAL B 335 4.82 8.44 11.85
CA VAL B 335 4.79 9.75 11.16
C VAL B 335 4.75 10.85 12.22
N PRO B 336 5.13 12.08 11.84
CA PRO B 336 4.83 13.25 12.66
C PRO B 336 3.32 13.28 12.97
N SER B 337 2.98 13.70 14.19
CA SER B 337 1.62 13.59 14.75
C SER B 337 1.22 14.85 15.53
N ILE B 338 -0.05 15.22 15.41
CA ILE B 338 -0.75 16.04 16.43
C ILE B 338 -1.56 15.09 17.30
N ILE B 339 -1.44 15.21 18.61
CA ILE B 339 -2.27 14.45 19.57
C ILE B 339 -2.90 15.44 20.54
N GLY B 340 -4.20 15.33 20.81
CA GLY B 340 -4.77 16.17 21.88
C GLY B 340 -6.06 15.67 22.45
N ILE B 341 -6.49 16.39 23.46
CA ILE B 341 -7.71 16.09 24.26
C ILE B 341 -8.34 17.42 24.68
N ASN B 342 -9.58 17.35 25.14
CA ASN B 342 -10.29 18.52 25.69
C ASN B 342 -10.15 18.50 27.22
N ASN B 343 -10.39 19.64 27.88
CA ASN B 343 -10.24 19.75 29.36
C ASN B 343 -11.48 19.17 30.08
N ASP B 344 -12.54 18.76 29.37
CA ASP B 344 -13.71 18.15 30.05
C ASP B 344 -14.29 17.02 29.20
N GLU B 345 -13.49 15.99 28.94
CA GLU B 345 -13.85 14.87 28.04
C GLU B 345 -15.14 14.20 28.54
N TYR B 346 -15.36 14.19 29.86
CA TYR B 346 -16.53 13.48 30.44
C TYR B 346 -17.49 14.52 31.02
N GLY B 347 -17.54 15.71 30.41
CA GLY B 347 -18.34 16.85 30.89
C GLY B 347 -19.83 16.61 30.78
N TRP B 348 -20.33 16.29 29.58
CA TRP B 348 -21.78 16.31 29.35
C TRP B 348 -22.22 15.22 28.36
N ILE B 349 -21.80 15.24 27.10
CA ILE B 349 -22.37 14.32 26.07
C ILE B 349 -22.19 12.84 26.50
N LEU B 350 -21.01 12.42 26.98
CA LEU B 350 -20.78 10.99 27.29
C LEU B 350 -21.55 10.61 28.56
N PRO B 351 -21.52 11.36 29.68
CA PRO B 351 -22.45 11.13 30.79
C PRO B 351 -23.93 11.05 30.34
N THR B 352 -24.39 11.95 29.47
CA THR B 352 -25.77 11.93 28.91
C THR B 352 -26.08 10.56 28.27
N ILE B 353 -25.17 10.00 27.47
CA ILE B 353 -25.36 8.73 26.72
C ILE B 353 -25.17 7.53 27.66
N MET B 354 -24.15 7.53 28.53
CA MET B 354 -23.73 6.31 29.29
C MET B 354 -24.16 6.39 30.77
N ASP B 355 -24.75 7.50 31.21
CA ASP B 355 -25.43 7.64 32.52
C ASP B 355 -26.80 8.28 32.27
N PRO B 356 -27.69 7.61 31.51
CA PRO B 356 -28.98 8.20 31.14
C PRO B 356 -29.88 8.51 32.35
N ALA B 357 -29.74 7.75 33.44
CA ALA B 357 -30.53 7.93 34.69
C ALA B 357 -29.96 9.06 35.57
N GLN B 358 -28.83 9.66 35.17
CA GLN B 358 -28.18 10.81 35.89
C GLN B 358 -27.77 10.40 37.32
N LYS B 359 -27.24 9.19 37.50
CA LYS B 359 -26.73 8.68 38.79
C LYS B 359 -25.53 9.51 39.30
N ILE B 360 -24.77 10.17 38.42
CA ILE B 360 -23.61 11.02 38.81
C ILE B 360 -24.10 12.12 39.75
N GLU B 361 -25.28 12.67 39.47
CA GLU B 361 -25.89 13.78 40.27
C GLU B 361 -26.34 13.27 41.65
N GLU B 362 -26.43 11.95 41.84
CA GLU B 362 -26.72 11.34 43.16
C GLU B 362 -25.45 11.10 43.98
N ILE B 363 -24.24 11.39 43.48
CA ILE B 363 -22.99 11.06 44.24
C ILE B 363 -22.90 11.93 45.48
N THR B 364 -22.69 11.32 46.63
CA THR B 364 -22.40 12.00 47.93
C THR B 364 -21.21 11.30 48.57
N ARG B 365 -20.64 11.87 49.62
CA ARG B 365 -19.52 11.22 50.35
C ARG B 365 -19.97 9.82 50.79
N LYS B 366 -21.24 9.66 51.21
CA LYS B 366 -21.82 8.40 51.72
C LYS B 366 -21.81 7.33 50.62
N THR B 367 -22.21 7.68 49.39
CA THR B 367 -22.35 6.74 48.25
C THR B 367 -21.03 6.55 47.51
N LEU B 368 -20.09 7.49 47.61
CA LEU B 368 -18.86 7.53 46.77
C LEU B 368 -18.10 6.20 46.80
N PRO B 369 -17.81 5.57 47.97
CA PRO B 369 -17.06 4.31 47.99
C PRO B 369 -17.63 3.22 47.09
N ALA B 370 -18.94 3.01 47.14
CA ALA B 370 -19.64 1.97 46.36
C ALA B 370 -19.62 2.33 44.86
N VAL B 371 -19.82 3.59 44.54
CA VAL B 371 -19.77 4.10 43.14
C VAL B 371 -18.37 3.82 42.58
N LEU B 372 -17.33 4.03 43.39
CA LEU B 372 -15.93 3.86 42.92
C LEU B 372 -15.57 2.38 42.81
N LYS B 373 -16.15 1.49 43.61
CA LYS B 373 -15.96 0.03 43.42
C LYS B 373 -16.60 -0.36 42.09
N SER B 374 -17.80 0.16 41.79
CA SER B 374 -18.49 -0.12 40.51
C SER B 374 -17.66 0.47 39.35
N THR B 375 -17.03 1.62 39.53
CA THR B 375 -16.19 2.29 38.50
C THR B 375 -14.94 1.46 38.27
N ALA B 376 -14.28 1.00 39.33
CA ALA B 376 -13.10 0.14 39.26
C ALA B 376 -13.40 -1.08 38.38
N LEU B 377 -14.55 -1.75 38.55
CA LEU B 377 -14.92 -2.96 37.75
C LEU B 377 -15.07 -2.58 36.27
N LYS B 378 -15.63 -1.41 35.96
CA LYS B 378 -15.80 -0.93 34.56
C LYS B 378 -14.44 -0.62 33.93
N MET B 379 -13.48 -0.14 34.73
N MET B 379 -13.49 -0.13 34.74
CA MET B 379 -12.08 0.14 34.33
CA MET B 379 -12.09 0.13 34.33
C MET B 379 -11.24 -1.15 34.35
C MET B 379 -11.27 -1.17 34.30
N MET B 380 -11.86 -2.29 34.66
N MET B 380 -11.87 -2.29 34.68
CA MET B 380 -11.26 -3.65 34.76
C MET B 380 -10.14 -3.66 35.81
N LEU B 381 -10.38 -2.99 36.92
CA LEU B 381 -9.56 -3.05 38.15
C LEU B 381 -10.29 -3.89 39.19
N PRO B 382 -9.55 -4.54 40.12
CA PRO B 382 -10.17 -5.20 41.26
C PRO B 382 -10.95 -4.20 42.11
N PRO B 383 -12.06 -4.60 42.77
CA PRO B 383 -12.92 -3.65 43.49
C PRO B 383 -12.20 -2.95 44.66
N GLU B 384 -11.15 -3.58 45.20
CA GLU B 384 -10.26 -2.99 46.24
C GLU B 384 -9.68 -1.65 45.75
N CYS B 385 -9.58 -1.42 44.43
CA CYS B 385 -8.98 -0.17 43.87
C CYS B 385 -9.91 1.02 44.03
N GLY B 386 -11.19 0.81 44.37
CA GLY B 386 -12.15 1.90 44.62
C GLY B 386 -11.58 2.95 45.55
N ASP B 387 -10.95 2.52 46.65
CA ASP B 387 -10.42 3.44 47.69
C ASP B 387 -9.17 4.17 47.16
N LEU B 388 -8.39 3.54 46.27
CA LEU B 388 -7.23 4.20 45.61
C LEU B 388 -7.73 5.34 44.72
N LEU B 389 -8.76 5.08 43.93
CA LEU B 389 -9.37 6.11 43.05
C LEU B 389 -9.89 7.26 43.92
N MET B 390 -10.51 6.94 45.05
CA MET B 390 -11.09 7.96 45.94
C MET B 390 -10.00 8.85 46.53
N GLU B 391 -8.92 8.24 47.06
CA GLU B 391 -7.81 9.01 47.63
C GLU B 391 -7.20 9.89 46.54
N GLU B 392 -6.94 9.35 45.34
CA GLU B 392 -6.32 10.10 44.22
C GLU B 392 -7.20 11.28 43.79
N TYR B 393 -8.48 11.08 43.52
CA TYR B 393 -9.32 12.11 42.83
C TYR B 393 -10.19 12.92 43.79
N MET B 394 -10.54 12.42 44.97
CA MET B 394 -11.51 13.10 45.86
C MET B 394 -10.90 13.44 47.23
N GLY B 395 -9.93 12.67 47.72
CA GLY B 395 -9.31 12.95 49.04
C GLY B 395 -10.35 13.08 50.13
N ASP B 396 -10.34 14.19 50.88
CA ASP B 396 -11.26 14.42 52.04
C ASP B 396 -12.49 15.22 51.62
N THR B 397 -12.70 15.45 50.32
CA THR B 397 -13.77 16.33 49.78
C THR B 397 -15.14 15.82 50.26
N GLU B 398 -15.99 16.71 50.77
CA GLU B 398 -17.34 16.38 51.33
C GLU B 398 -18.41 16.91 50.37
N ASP B 399 -18.13 18.03 49.70
CA ASP B 399 -19.11 18.77 48.86
C ASP B 399 -19.53 17.91 47.65
N PRO B 400 -20.84 17.57 47.51
CA PRO B 400 -21.29 16.73 46.40
C PRO B 400 -20.94 17.29 45.01
N GLU B 401 -21.13 18.60 44.80
CA GLU B 401 -20.84 19.26 43.50
C GLU B 401 -19.36 19.01 43.15
N THR B 402 -18.46 19.22 44.11
CA THR B 402 -17.00 19.02 43.92
C THR B 402 -16.72 17.54 43.64
N LEU B 403 -17.29 16.63 44.43
CA LEU B 403 -17.13 15.15 44.26
C LEU B 403 -17.53 14.74 42.84
N GLN B 404 -18.61 15.31 42.32
CA GLN B 404 -19.17 14.94 41.00
C GLN B 404 -18.20 15.42 39.91
N ALA B 405 -17.62 16.60 40.07
CA ALA B 405 -16.63 17.18 39.15
C ALA B 405 -15.35 16.33 39.17
N GLN B 406 -14.91 15.92 40.34
CA GLN B 406 -13.74 15.02 40.51
C GLN B 406 -14.02 13.67 39.83
N PHE B 407 -15.26 13.20 39.89
CA PHE B 407 -15.65 11.91 39.28
C PHE B 407 -15.58 12.03 37.76
N ARG B 408 -16.13 13.10 37.18
CA ARG B 408 -16.06 13.36 35.73
C ARG B 408 -14.60 13.52 35.27
N GLU B 409 -13.75 14.17 36.06
CA GLU B 409 -12.31 14.34 35.78
C GLU B 409 -11.66 12.96 35.65
N MET B 410 -11.88 12.11 36.65
CA MET B 410 -11.28 10.76 36.75
C MET B 410 -11.66 9.93 35.51
N LYS B 411 -12.91 10.01 35.08
CA LYS B 411 -13.42 9.21 33.93
C LYS B 411 -12.77 9.72 32.65
N GLY B 412 -12.77 11.03 32.46
CA GLY B 412 -12.09 11.65 31.30
C GLY B 412 -10.62 11.28 31.25
N ASP B 413 -9.96 11.25 32.39
CA ASP B 413 -8.51 10.91 32.48
C ASP B 413 -8.28 9.46 32.06
N PHE B 414 -9.05 8.52 32.60
CA PHE B 414 -8.94 7.08 32.29
C PHE B 414 -9.20 6.82 30.80
N MET B 415 -10.27 7.38 30.25
CA MET B 415 -10.75 7.06 28.87
C MET B 415 -9.92 7.79 27.81
N PHE B 416 -9.46 9.01 28.07
CA PHE B 416 -8.95 9.90 26.98
C PHE B 416 -7.58 10.49 27.31
N VAL B 417 -7.43 11.12 28.47
CA VAL B 417 -6.25 11.99 28.69
C VAL B 417 -5.02 11.11 28.92
N ILE B 418 -5.11 10.10 29.77
CA ILE B 418 -3.94 9.24 30.09
C ILE B 418 -3.56 8.46 28.82
N PRO B 419 -4.49 7.81 28.08
CA PRO B 419 -4.12 7.16 26.83
C PRO B 419 -3.42 8.13 25.84
N ALA B 420 -3.90 9.37 25.68
CA ALA B 420 -3.27 10.34 24.77
C ALA B 420 -1.83 10.63 25.22
N LEU B 421 -1.61 10.81 26.53
CA LEU B 421 -0.28 11.16 27.07
C LEU B 421 0.66 9.97 26.90
N GLN B 422 0.16 8.75 27.04
CA GLN B 422 0.97 7.51 26.92
C GLN B 422 1.42 7.33 25.48
N VAL B 423 0.51 7.55 24.53
CA VAL B 423 0.81 7.39 23.09
C VAL B 423 1.78 8.50 22.67
N ALA B 424 1.59 9.73 23.14
CA ALA B 424 2.48 10.87 22.84
C ALA B 424 3.88 10.55 23.35
N HIS B 425 3.97 9.93 24.53
CA HIS B 425 5.26 9.52 25.14
C HIS B 425 5.97 8.46 24.29
N PHE B 426 5.24 7.47 23.79
CA PHE B 426 5.79 6.42 22.89
C PHE B 426 6.22 7.00 21.54
N GLN B 427 5.43 7.90 20.95
CA GLN B 427 5.76 8.45 19.60
C GLN B 427 6.92 9.46 19.66
N ARG B 428 7.05 10.27 20.73
CA ARG B 428 7.92 11.47 20.70
C ARG B 428 9.41 11.10 20.67
N SER B 429 9.82 9.85 20.96
CA SER B 429 11.27 9.50 20.84
C SER B 429 11.65 9.16 19.40
N HIS B 430 10.67 8.96 18.51
CA HIS B 430 10.90 8.55 17.11
C HIS B 430 10.51 9.67 16.14
N ALA B 431 9.60 10.56 16.50
CA ALA B 431 9.03 11.53 15.55
C ALA B 431 8.46 12.71 16.29
N PRO B 432 8.31 13.84 15.60
CA PRO B 432 7.63 15.01 16.17
C PRO B 432 6.19 14.70 16.61
N VAL B 433 5.91 15.05 17.85
CA VAL B 433 4.53 15.12 18.39
C VAL B 433 4.22 16.56 18.76
N TYR B 434 3.11 17.10 18.30
CA TYR B 434 2.58 18.39 18.79
C TYR B 434 1.32 18.10 19.63
N PHE B 435 1.36 18.37 20.93
CA PHE B 435 0.28 17.99 21.87
C PHE B 435 -0.57 19.25 22.18
N TYR B 436 -1.89 19.10 22.25
CA TYR B 436 -2.80 20.20 22.65
C TYR B 436 -3.78 19.72 23.73
N GLU B 437 -4.17 20.66 24.58
CA GLU B 437 -5.38 20.54 25.40
C GLU B 437 -6.33 21.66 24.98
N PHE B 438 -7.47 21.26 24.45
CA PHE B 438 -8.49 22.22 23.97
C PHE B 438 -9.39 22.58 25.14
N GLN B 439 -9.61 23.87 25.31
CA GLN B 439 -10.22 24.45 26.51
C GLN B 439 -11.39 25.36 26.16
N HIS B 440 -11.71 25.57 24.89
CA HIS B 440 -12.76 26.55 24.54
C HIS B 440 -14.18 25.98 24.66
N ARG B 441 -14.95 26.55 25.57
CA ARG B 441 -16.39 26.26 25.72
C ARG B 441 -17.14 26.92 24.57
N PRO B 442 -17.82 26.14 23.69
CA PRO B 442 -18.56 26.72 22.57
C PRO B 442 -19.72 27.64 23.01
N SER B 443 -19.80 28.84 22.43
CA SER B 443 -20.75 29.91 22.79
C SER B 443 -22.19 29.41 22.60
N PHE B 444 -22.45 28.64 21.55
CA PHE B 444 -23.82 28.23 21.17
C PHE B 444 -24.36 27.20 22.17
N PHE B 445 -23.51 26.50 22.91
CA PHE B 445 -23.92 25.39 23.82
C PHE B 445 -23.87 25.81 25.28
N LYS B 446 -23.08 26.84 25.61
CA LYS B 446 -22.69 27.10 27.02
C LYS B 446 -23.95 27.35 27.87
N ASP B 447 -25.00 27.97 27.32
CA ASP B 447 -26.21 28.35 28.10
C ASP B 447 -27.21 27.20 28.16
N PHE B 448 -27.07 26.16 27.32
CA PHE B 448 -28.01 25.02 27.18
C PHE B 448 -27.34 23.72 27.64
N ARG B 449 -26.29 23.87 28.46
CA ARG B 449 -25.55 22.82 29.20
C ARG B 449 -25.39 23.28 30.65
N PRO B 450 -25.13 22.36 31.61
CA PRO B 450 -24.78 22.77 32.96
C PRO B 450 -23.60 23.73 32.99
N PRO B 451 -23.54 24.69 33.94
CA PRO B 451 -22.46 25.68 33.98
C PRO B 451 -21.07 25.13 34.30
N TYR B 452 -20.95 23.91 34.83
CA TYR B 452 -19.66 23.26 35.18
C TYR B 452 -18.94 22.77 33.90
N VAL B 453 -19.63 22.63 32.78
CA VAL B 453 -19.06 21.99 31.55
C VAL B 453 -18.10 22.97 30.88
N LYS B 454 -16.83 22.58 30.72
CA LYS B 454 -15.81 23.36 30.00
C LYS B 454 -15.84 22.90 28.52
N ALA B 455 -14.71 22.53 27.92
CA ALA B 455 -14.69 22.01 26.54
C ALA B 455 -15.01 20.52 26.61
N ASP B 456 -16.23 20.18 26.29
CA ASP B 456 -16.76 18.79 26.31
C ASP B 456 -16.09 17.98 25.18
N HIS B 457 -16.18 16.67 25.28
CA HIS B 457 -15.88 15.72 24.19
C HIS B 457 -16.52 16.23 22.89
N GLY B 458 -15.71 16.45 21.85
CA GLY B 458 -16.14 16.81 20.49
C GLY B 458 -16.19 18.30 20.25
N ASP B 459 -15.97 19.14 21.27
CA ASP B 459 -16.18 20.61 21.14
C ASP B 459 -15.20 21.24 20.13
N GLU B 460 -14.04 20.65 19.89
CA GLU B 460 -13.00 21.21 18.97
C GLU B 460 -13.38 20.95 17.51
N ILE B 461 -14.23 19.94 17.25
CA ILE B 461 -14.61 19.55 15.85
C ILE B 461 -15.28 20.73 15.16
N PHE B 462 -16.09 21.50 15.90
CA PHE B 462 -16.79 22.69 15.36
C PHE B 462 -15.76 23.67 14.80
N LEU B 463 -14.61 23.81 15.45
CA LEU B 463 -13.60 24.81 15.03
C LEU B 463 -12.74 24.23 13.91
N VAL B 464 -12.44 22.92 13.93
CA VAL B 464 -11.65 22.24 12.88
C VAL B 464 -12.37 22.39 11.53
N PHE B 465 -13.71 22.32 11.50
CA PHE B 465 -14.48 22.40 10.23
C PHE B 465 -15.02 23.82 9.98
N GLY B 466 -14.56 24.84 10.71
CA GLY B 466 -14.97 26.25 10.48
C GLY B 466 -16.46 26.46 10.68
N TYR B 467 -17.03 25.73 11.63
CA TYR B 467 -18.46 25.79 12.05
C TYR B 467 -19.41 25.36 10.93
N GLN B 468 -18.89 24.71 9.90
CA GLN B 468 -19.65 24.24 8.71
C GLN B 468 -19.85 22.73 8.86
N PHE B 469 -21.11 22.26 8.90
CA PHE B 469 -21.48 20.82 8.83
C PHE B 469 -22.56 20.62 7.79
N GLY B 470 -22.95 19.35 7.55
CA GLY B 470 -24.05 19.02 6.62
C GLY B 470 -25.26 19.93 6.88
N ASN B 471 -25.58 20.83 5.94
CA ASN B 471 -26.81 21.68 5.96
C ASN B 471 -26.87 22.64 7.15
N ILE B 472 -25.83 22.80 7.97
CA ILE B 472 -25.87 23.77 9.12
C ILE B 472 -24.57 24.58 9.16
N LYS B 473 -24.71 25.89 9.29
CA LYS B 473 -23.62 26.79 9.73
C LYS B 473 -23.91 27.12 11.20
N LEU B 474 -23.03 26.70 12.12
CA LEU B 474 -23.26 26.94 13.57
C LEU B 474 -22.98 28.40 13.87
N PRO B 475 -23.72 29.02 14.81
CA PRO B 475 -23.47 30.40 15.19
C PRO B 475 -22.19 30.54 16.02
N TYR B 476 -21.42 31.59 15.77
CA TYR B 476 -20.11 31.81 16.43
C TYR B 476 -19.87 33.31 16.65
N THR B 477 -19.15 33.62 17.72
CA THR B 477 -18.67 34.99 18.05
C THR B 477 -17.51 35.36 17.12
N GLU B 478 -17.14 36.63 17.06
CA GLU B 478 -15.89 37.11 16.40
C GLU B 478 -14.68 36.33 16.94
N GLU B 479 -14.59 36.17 18.26
CA GLU B 479 -13.43 35.51 18.91
C GLU B 479 -13.35 34.06 18.44
N GLU B 480 -14.51 33.42 18.33
CA GLU B 480 -14.61 32.00 17.91
C GLU B 480 -14.18 31.87 16.45
N GLU B 481 -14.53 32.84 15.60
CA GLU B 481 -14.10 32.85 14.18
C GLU B 481 -12.58 32.88 14.14
N GLN B 482 -11.94 33.74 14.95
CA GLN B 482 -10.48 33.95 14.94
C GLN B 482 -9.81 32.65 15.40
N LEU B 483 -10.37 32.01 16.43
CA LEU B 483 -9.81 30.77 17.00
C LEU B 483 -9.99 29.63 15.99
N SER B 484 -11.10 29.59 15.27
CA SER B 484 -11.36 28.54 14.26
C SER B 484 -10.38 28.74 13.09
N ARG B 485 -10.18 29.98 12.67
CA ARG B 485 -9.17 30.30 11.63
C ARG B 485 -7.78 29.83 12.07
N ARG B 486 -7.42 30.05 13.32
CA ARG B 486 -6.13 29.63 13.92
C ARG B 486 -6.02 28.10 13.89
N ILE B 487 -7.07 27.39 14.30
CA ILE B 487 -7.06 25.90 14.39
C ILE B 487 -6.98 25.30 12.97
N MET B 488 -7.79 25.82 12.04
CA MET B 488 -7.77 25.37 10.62
C MET B 488 -6.39 25.62 10.02
N LYS B 489 -5.74 26.75 10.34
CA LYS B 489 -4.38 27.02 9.80
C LYS B 489 -3.34 26.12 10.50
N TYR B 490 -3.42 25.90 11.81
CA TYR B 490 -2.53 24.92 12.48
C TYR B 490 -2.64 23.54 11.77
N TRP B 491 -3.87 23.09 11.52
CA TRP B 491 -4.15 21.73 10.98
C TRP B 491 -3.64 21.65 9.52
N ALA B 492 -3.91 22.69 8.73
CA ALA B 492 -3.51 22.73 7.30
C ALA B 492 -2.00 22.91 7.17
N ASN B 493 -1.39 23.71 8.04
CA ASN B 493 0.10 23.90 8.11
C ASN B 493 0.74 22.56 8.39
N PHE B 494 0.14 21.80 9.31
CA PHE B 494 0.60 20.44 9.68
C PHE B 494 0.44 19.51 8.47
N ALA B 495 -0.67 19.62 7.74
CA ALA B 495 -0.88 18.86 6.49
C ALA B 495 0.19 19.22 5.42
N ARG B 496 0.57 20.49 5.29
CA ARG B 496 1.61 20.92 4.30
C ARG B 496 3.03 20.49 4.76
N HIS B 497 3.37 20.59 6.05
CA HIS B 497 4.79 20.62 6.51
C HIS B 497 5.10 19.70 7.68
N GLY B 498 4.11 19.01 8.25
CA GLY B 498 4.31 18.22 9.49
C GLY B 498 4.66 19.10 10.68
N ASN B 499 4.25 20.36 10.64
CA ASN B 499 4.51 21.37 11.69
C ASN B 499 3.35 22.34 11.65
N PRO B 500 2.61 22.54 12.76
CA PRO B 500 1.46 23.45 12.76
C PRO B 500 1.85 24.93 12.65
N ASN B 501 3.11 25.26 12.91
CA ASN B 501 3.54 26.67 13.13
C ASN B 501 3.61 27.47 11.82
N SER B 502 3.23 28.73 11.91
CA SER B 502 3.49 29.74 10.85
C SER B 502 3.39 31.13 11.45
N GLU B 503 4.04 32.08 10.80
CA GLU B 503 4.16 33.46 11.32
C GLU B 503 2.75 34.03 11.49
N GLY B 504 2.44 34.59 12.64
CA GLY B 504 1.07 35.10 12.89
C GLY B 504 0.22 34.12 13.70
N LEU B 505 0.60 32.85 13.79
CA LEU B 505 -0.08 31.91 14.72
C LEU B 505 0.74 31.87 16.00
N PRO B 506 0.08 31.79 17.17
CA PRO B 506 0.79 31.57 18.41
C PRO B 506 1.67 30.33 18.30
N TYR B 507 2.82 30.37 18.95
CA TYR B 507 3.79 29.26 18.90
C TYR B 507 3.20 28.00 19.54
N TRP B 508 3.37 26.89 18.85
CA TRP B 508 3.02 25.54 19.34
C TRP B 508 4.32 24.76 19.42
N PRO B 509 4.92 24.63 20.61
CA PRO B 509 6.17 23.89 20.74
C PRO B 509 5.97 22.40 20.47
N VAL B 510 6.93 21.80 19.78
CA VAL B 510 6.98 20.33 19.63
C VAL B 510 7.19 19.75 21.03
N MET B 511 6.66 18.56 21.26
CA MET B 511 6.75 17.89 22.56
C MET B 511 8.10 17.18 22.67
N ASP B 512 8.93 17.58 23.64
CA ASP B 512 10.22 16.90 23.96
C ASP B 512 10.23 16.59 25.46
N HIS B 513 11.41 16.46 26.07
CA HIS B 513 11.61 16.05 27.49
C HIS B 513 10.96 17.07 28.42
N ASP B 514 10.84 18.35 28.02
CA ASP B 514 10.13 19.41 28.80
C ASP B 514 8.61 19.17 28.76
N GLU B 515 8.11 18.39 27.79
CA GLU B 515 6.72 17.87 27.73
C GLU B 515 5.75 19.04 27.66
N GLN B 516 6.08 20.00 26.80
CA GLN B 516 5.25 21.18 26.53
C GLN B 516 4.04 20.77 25.71
N TYR B 517 2.94 21.48 25.90
CA TYR B 517 1.68 21.30 25.16
C TYR B 517 1.01 22.66 24.97
N LEU B 518 0.23 22.77 23.90
CA LEU B 518 -0.57 23.97 23.61
C LEU B 518 -1.84 23.95 24.47
N GLN B 519 -2.04 25.00 25.25
CA GLN B 519 -3.32 25.28 25.92
C GLN B 519 -4.15 26.05 24.91
N LEU B 520 -5.02 25.33 24.20
CA LEU B 520 -5.74 25.84 23.01
C LEU B 520 -7.07 26.46 23.45
N ASP B 521 -7.10 27.80 23.45
CA ASP B 521 -8.23 28.64 23.90
C ASP B 521 -8.13 29.99 23.18
N ILE B 522 -9.10 30.89 23.34
CA ILE B 522 -9.04 32.26 22.75
C ILE B 522 -7.67 32.88 23.09
N GLN B 523 -7.32 32.94 24.38
CA GLN B 523 -6.01 33.50 24.82
C GLN B 523 -5.01 32.36 24.82
N PRO B 524 -3.97 32.40 23.95
CA PRO B 524 -3.05 31.29 23.84
C PRO B 524 -2.10 31.22 25.03
N SER B 525 -1.78 30.00 25.44
CA SER B 525 -0.70 29.74 26.42
C SER B 525 -0.14 28.34 26.18
N VAL B 526 0.98 28.07 26.85
CA VAL B 526 1.70 26.78 26.79
C VAL B 526 1.83 26.26 28.21
N GLY B 527 1.58 24.97 28.42
CA GLY B 527 1.85 24.31 29.69
C GLY B 527 2.95 23.27 29.53
N ARG B 528 3.38 22.69 30.65
CA ARG B 528 4.35 21.56 30.66
C ARG B 528 3.76 20.40 31.44
N ALA B 529 4.01 19.17 30.96
CA ALA B 529 3.73 17.92 31.69
C ALA B 529 2.28 17.91 32.17
N LEU B 530 1.34 17.89 31.24
CA LEU B 530 -0.11 17.88 31.59
C LEU B 530 -0.42 16.71 32.53
N LYS B 531 -1.03 16.99 33.69
CA LYS B 531 -1.60 15.97 34.61
C LYS B 531 -0.53 14.95 34.98
N ALA B 532 0.70 15.40 35.24
CA ALA B 532 1.86 14.55 35.58
C ALA B 532 1.56 13.70 36.82
N ARG B 533 0.92 14.24 37.85
CA ARG B 533 0.59 13.46 39.07
C ARG B 533 -0.44 12.38 38.73
N ARG B 534 -1.46 12.71 37.90
CA ARG B 534 -2.44 11.69 37.44
C ARG B 534 -1.72 10.62 36.60
N LEU B 535 -0.79 11.02 35.73
CA LEU B 535 -0.08 10.05 34.87
C LEU B 535 0.74 9.10 35.77
N GLN B 536 1.42 9.62 36.79
CA GLN B 536 2.14 8.82 37.81
C GLN B 536 1.15 7.84 38.47
N PHE B 537 -0.03 8.32 38.85
CA PHE B 537 -1.05 7.49 39.54
C PHE B 537 -1.44 6.31 38.65
N TRP B 538 -1.93 6.59 37.43
CA TRP B 538 -2.53 5.58 36.53
C TRP B 538 -1.45 4.59 36.07
N THR B 539 -0.22 5.04 35.84
CA THR B 539 0.78 4.23 35.10
C THR B 539 1.78 3.53 36.03
N LYS B 540 1.95 3.99 37.28
CA LYS B 540 2.93 3.38 38.22
C LYS B 540 2.26 3.03 39.55
N THR B 541 1.63 4.00 40.22
CA THR B 541 1.08 3.82 41.58
C THR B 541 0.02 2.71 41.57
N LEU B 542 -0.99 2.83 40.73
CA LEU B 542 -2.15 1.88 40.69
C LEU B 542 -1.69 0.46 40.30
N PRO B 543 -0.90 0.22 39.23
CA PRO B 543 -0.35 -1.12 38.96
C PRO B 543 0.46 -1.73 40.12
N GLN B 544 1.30 -0.93 40.79
CA GLN B 544 2.06 -1.36 41.98
C GLN B 544 1.09 -1.81 43.08
N LYS B 545 0.07 -1.02 43.38
CA LYS B 545 -0.89 -1.30 44.47
C LYS B 545 -1.72 -2.53 44.11
N ILE B 546 -2.00 -2.77 42.83
CA ILE B 546 -2.72 -4.00 42.38
C ILE B 546 -1.83 -5.22 42.62
N GLN B 547 -0.54 -5.09 42.41
CA GLN B 547 0.44 -6.17 42.61
C GLN B 547 0.54 -6.48 44.10
N GLU B 548 0.37 -5.48 44.98
CA GLU B 548 0.35 -5.65 46.45
C GLU B 548 -0.90 -6.46 46.89
N LEU B 549 -2.04 -6.34 46.21
CA LEU B 549 -3.30 -7.07 46.56
C LEU B 549 -3.07 -8.59 46.41
N LYS B 550 -2.35 -9.01 45.36
CA LYS B 550 -1.99 -10.43 45.08
C LYS B 550 -1.17 -11.00 46.27
N GLY B 551 -0.54 -10.13 47.08
CA GLY B 551 0.27 -10.47 48.27
C GLY B 551 -0.57 -10.66 49.53
N SER B 552 -1.73 -10.01 49.64
CA SER B 552 -2.70 -10.20 50.76
C SER B 552 -3.62 -11.40 50.48
N GLN B 553 -3.20 -12.33 49.61
CA GLN B 553 -4.09 -13.36 49.00
C GLN B 553 -3.28 -14.62 48.68
#